data_5UNC
#
_entry.id   5UNC
#
_cell.length_a   89.326
_cell.length_b   122.036
_cell.length_c   136.681
_cell.angle_alpha   90.00
_cell.angle_beta   90.00
_cell.angle_gamma   90.00
#
_symmetry.space_group_name_H-M   'P 21 21 21'
#
loop_
_entity.id
_entity.type
_entity.pdbx_description
1 polymer 'PHOSPHOENOLPYRUVATE PHOSPHOMUTASE'
2 non-polymer 'L(+)-TARTARIC ACID'
3 non-polymer alpha-D-xylopyranose
4 non-polymer 'FORMIC ACID'
5 water water
#
_entity_poly.entity_id   1
_entity_poly.type   'polypeptide(L)'
_entity_poly.pdbx_seq_one_letter_code
;SNAHSTHREPSARPAPRHGAAQLRALFDAPGTVRIAGAHNPLGARLAERAGFDGIWSSGLEISASQGLPDADILT(MSE)
TELLGVAGS(MSE)ASAVGVPVVADCDTGYGNANNV(MSE)H(MSE)VRRYEAAGIAAVTIEDKRFPKVNSFIPGRQELA
SVPEFCGRIEAAKDAQRDPDF(MSE)VIARIEALIAGWDLDEALRRGEAYAAAGADAVLIHAKSGSPQPVLDFLQRWHLP
QPVVVVPTTYHTISAAELGAAGAK(MSE)VVYANHGLRAGIQAVSQTFETILKDGRTTAIEDHIAPLTTVFDLQG(MSE)
DEFQENEKRFVRGGTPEAPPAPAPERAGERAHEAAEHARPVPALT
;
_entity_poly.pdbx_strand_id   A,B,C,D
#
# COMPACT_ATOMS: atom_id res chain seq x y z
N HIS A 18 -1.14 -11.72 -20.39
CA HIS A 18 -1.28 -12.96 -21.16
C HIS A 18 -1.64 -14.18 -20.29
N GLY A 19 -1.66 -13.99 -18.97
CA GLY A 19 -1.89 -15.11 -18.07
C GLY A 19 -3.15 -15.91 -18.39
N ALA A 20 -4.28 -15.21 -18.54
CA ALA A 20 -5.55 -15.90 -18.78
C ALA A 20 -5.51 -16.70 -20.08
N ALA A 21 -4.99 -16.10 -21.16
CA ALA A 21 -4.82 -16.84 -22.40
C ALA A 21 -3.93 -18.07 -22.22
N GLN A 22 -2.86 -17.93 -21.43
CA GLN A 22 -1.98 -19.07 -21.22
C GLN A 22 -2.66 -20.18 -20.44
N LEU A 23 -3.45 -19.82 -19.42
CA LEU A 23 -4.11 -20.84 -18.63
C LEU A 23 -5.16 -21.58 -19.47
N ARG A 24 -5.89 -20.85 -20.32
CA ARG A 24 -6.85 -21.52 -21.21
C ARG A 24 -6.13 -22.51 -22.12
N ALA A 25 -4.96 -22.15 -22.64
CA ALA A 25 -4.20 -23.09 -23.47
C ALA A 25 -3.83 -24.35 -22.70
N LEU A 26 -3.42 -24.19 -21.44
CA LEU A 26 -3.09 -25.35 -20.61
C LEU A 26 -4.30 -26.26 -20.43
N PHE A 27 -5.48 -25.67 -20.25
CA PHE A 27 -6.68 -26.48 -20.05
C PHE A 27 -7.16 -27.10 -21.36
N ASP A 28 -6.90 -26.44 -22.49
CA ASP A 28 -7.39 -26.93 -23.78
C ASP A 28 -6.48 -27.97 -24.41
N ALA A 29 -5.23 -28.08 -23.94
CA ALA A 29 -4.20 -29.02 -24.34
C ALA A 29 -4.27 -30.28 -23.47
N PRO A 30 -3.84 -31.43 -23.99
CA PRO A 30 -3.81 -32.64 -23.17
C PRO A 30 -2.77 -32.52 -22.06
N GLY A 31 -2.93 -33.36 -21.05
CA GLY A 31 -1.97 -33.42 -19.97
C GLY A 31 -2.50 -32.77 -18.70
N THR A 32 -1.89 -33.14 -17.58
CA THR A 32 -2.30 -32.67 -16.26
C THR A 32 -1.53 -31.40 -15.92
N VAL A 33 -2.25 -30.31 -15.62
CA VAL A 33 -1.62 -29.05 -15.25
C VAL A 33 -1.18 -29.11 -13.79
N ARG A 34 0.04 -28.68 -13.50
CA ARG A 34 0.56 -28.68 -12.14
C ARG A 34 0.97 -27.26 -11.77
N ILE A 35 0.50 -26.77 -10.62
CA ILE A 35 0.90 -25.45 -10.15
C ILE A 35 1.38 -25.53 -8.71
N ALA A 36 2.19 -24.54 -8.32
CA ALA A 36 2.84 -24.52 -7.01
C ALA A 36 2.49 -23.25 -6.27
N GLY A 37 2.25 -23.37 -4.97
CA GLY A 37 2.02 -22.20 -4.14
C GLY A 37 3.25 -21.33 -4.01
N ALA A 38 3.01 -20.02 -3.92
CA ALA A 38 4.05 -19.03 -3.64
C ALA A 38 3.39 -17.86 -2.91
N HIS A 39 4.22 -17.07 -2.25
CA HIS A 39 3.75 -15.91 -1.50
C HIS A 39 4.58 -14.65 -1.76
N ASN A 40 5.46 -14.65 -2.75
CA ASN A 40 6.07 -13.41 -3.21
C ASN A 40 6.65 -13.67 -4.59
N PRO A 41 7.09 -12.62 -5.29
CA PRO A 41 7.59 -12.82 -6.66
C PRO A 41 8.75 -13.80 -6.74
N LEU A 42 9.63 -13.82 -5.72
CA LEU A 42 10.76 -14.74 -5.75
C LEU A 42 10.31 -16.20 -5.75
N GLY A 43 9.38 -16.54 -4.85
CA GLY A 43 8.82 -17.88 -4.87
C GLY A 43 8.18 -18.25 -6.22
N ALA A 44 7.46 -17.30 -6.82
CA ALA A 44 6.87 -17.57 -8.13
C ALA A 44 7.95 -17.82 -9.18
N ARG A 45 9.04 -17.06 -9.12
CA ARG A 45 10.11 -17.21 -10.09
C ARG A 45 10.81 -18.56 -9.91
N LEU A 46 10.97 -18.99 -8.67
CA LEU A 46 11.56 -20.32 -8.42
C LEU A 46 10.65 -21.43 -8.96
N ALA A 47 9.33 -21.30 -8.79
CA ALA A 47 8.41 -22.30 -9.34
C ALA A 47 8.48 -22.32 -10.86
N GLU A 48 8.54 -21.15 -11.48
CA GLU A 48 8.64 -21.08 -12.93
C GLU A 48 9.92 -21.73 -13.41
N ARG A 49 11.04 -21.41 -12.76
CA ARG A 49 12.32 -21.98 -13.16
C ARG A 49 12.37 -23.50 -12.98
N ALA A 50 11.73 -23.99 -11.92
CA ALA A 50 11.69 -25.45 -11.72
C ALA A 50 10.86 -26.15 -12.79
N GLY A 51 9.89 -25.47 -13.38
CA GLY A 51 9.12 -26.07 -14.46
C GLY A 51 7.63 -26.22 -14.18
N PHE A 52 7.12 -25.58 -13.13
CA PHE A 52 5.69 -25.64 -12.91
C PHE A 52 4.95 -24.88 -13.99
N ASP A 53 3.70 -25.30 -14.24
CA ASP A 53 2.87 -24.71 -15.30
C ASP A 53 2.31 -23.36 -14.88
N GLY A 54 2.19 -23.10 -13.59
CA GLY A 54 1.60 -21.86 -13.10
C GLY A 54 1.79 -21.76 -11.60
N ILE A 55 1.22 -20.70 -11.03
CA ILE A 55 1.42 -20.34 -9.63
C ILE A 55 0.06 -20.39 -8.94
N TRP A 56 0.05 -20.87 -7.69
CA TRP A 56 -1.09 -20.78 -6.79
C TRP A 56 -0.80 -19.69 -5.78
N SER A 57 -1.62 -18.65 -5.77
CA SER A 57 -1.40 -17.51 -4.84
C SER A 57 -2.10 -17.88 -3.54
N SER A 58 -1.37 -18.59 -2.68
CA SER A 58 -1.94 -19.33 -1.57
C SER A 58 -2.32 -18.44 -0.40
N GLY A 59 -3.59 -18.54 0.02
CA GLY A 59 -4.01 -17.80 1.21
C GLY A 59 -3.24 -18.22 2.44
N LEU A 60 -3.02 -19.53 2.61
N LEU A 60 -3.00 -19.53 2.60
CA LEU A 60 -2.22 -20.02 3.73
CA LEU A 60 -2.22 -20.02 3.74
C LEU A 60 -0.80 -19.47 3.68
C LEU A 60 -0.78 -19.51 3.69
N GLU A 61 -0.12 -19.63 2.54
CA GLU A 61 1.28 -19.16 2.47
C GLU A 61 1.37 -17.66 2.71
N ILE A 62 0.45 -16.88 2.14
CA ILE A 62 0.58 -15.43 2.26
C ILE A 62 0.28 -14.97 3.69
N SER A 63 -0.82 -15.46 4.26
N SER A 63 -0.81 -15.48 4.28
CA SER A 63 -1.13 -15.17 5.66
CA SER A 63 -1.09 -15.11 5.67
C SER A 63 0.04 -15.56 6.56
C SER A 63 0.04 -15.56 6.59
N ALA A 64 0.54 -16.79 6.42
CA ALA A 64 1.65 -17.26 7.27
C ALA A 64 2.86 -16.37 7.11
N SER A 65 3.18 -15.95 5.88
CA SER A 65 4.33 -15.07 5.67
C SER A 65 4.17 -13.76 6.43
N GLN A 66 2.92 -13.32 6.66
CA GLN A 66 2.68 -12.11 7.44
C GLN A 66 2.46 -12.40 8.93
N GLY A 67 2.66 -13.66 9.35
CA GLY A 67 2.55 -14.01 10.76
C GLY A 67 1.13 -14.08 11.26
N LEU A 68 0.16 -14.27 10.37
CA LEU A 68 -1.24 -14.13 10.71
C LEU A 68 -2.05 -15.36 10.32
N PRO A 69 -3.18 -15.58 11.01
CA PRO A 69 -4.10 -16.66 10.61
C PRO A 69 -4.60 -16.51 9.17
N ASP A 70 -4.86 -17.67 8.56
CA ASP A 70 -5.49 -17.80 7.24
C ASP A 70 -7.00 -17.79 7.45
N ALA A 71 -7.55 -16.60 7.72
CA ALA A 71 -8.93 -16.48 8.21
C ALA A 71 -9.57 -15.17 7.76
N ASP A 72 -9.23 -14.72 6.55
CA ASP A 72 -9.63 -13.39 6.08
C ASP A 72 -9.25 -12.31 7.09
N ILE A 73 -8.09 -12.52 7.73
CA ILE A 73 -7.50 -11.46 8.53
C ILE A 73 -6.76 -10.49 7.61
N LEU A 74 -5.93 -11.00 6.70
CA LEU A 74 -5.48 -10.16 5.59
C LEU A 74 -6.66 -9.82 4.71
N THR A 75 -6.62 -8.64 4.09
CA THR A 75 -7.73 -8.18 3.28
C THR A 75 -7.49 -8.50 1.81
N THR A 77 -7.07 -6.36 -0.42
CA THR A 77 -5.97 -5.48 -0.85
C THR A 77 -4.62 -6.14 -0.67
N GLU A 78 -4.40 -6.74 0.49
CA GLU A 78 -3.11 -7.34 0.77
C GLU A 78 -2.90 -8.61 -0.06
N LEU A 79 -3.94 -9.42 -0.22
CA LEU A 79 -3.79 -10.66 -1.00
C LEU A 79 -3.60 -10.36 -2.48
N LEU A 80 -4.33 -9.39 -3.01
CA LEU A 80 -4.17 -8.99 -4.41
C LEU A 80 -2.80 -8.39 -4.67
N GLY A 81 -2.28 -7.61 -3.70
CA GLY A 81 -0.94 -7.06 -3.87
C GLY A 81 0.09 -8.13 -4.19
N VAL A 82 0.03 -9.25 -3.47
CA VAL A 82 0.97 -10.35 -3.72
C VAL A 82 0.64 -11.03 -5.04
N ALA A 83 -0.64 -11.37 -5.26
CA ALA A 83 -0.97 -12.08 -6.50
C ALA A 83 -0.56 -11.26 -7.71
N GLY A 84 -0.80 -9.94 -7.68
CA GLY A 84 -0.50 -9.13 -8.84
C GLY A 84 0.99 -8.94 -9.04
N SER A 85 1.75 -8.80 -7.95
CA SER A 85 3.20 -8.70 -8.10
C SER A 85 3.78 -10.00 -8.66
N ALA A 87 2.11 -12.08 -10.69
CA ALA A 87 1.66 -12.18 -12.07
C ALA A 87 2.56 -11.37 -13.00
N SER A 88 3.04 -10.21 -12.54
CA SER A 88 3.93 -9.43 -13.42
C SER A 88 5.37 -9.91 -13.37
N ALA A 89 5.74 -10.74 -12.39
CA ALA A 89 7.12 -11.20 -12.26
C ALA A 89 7.44 -12.45 -13.06
N VAL A 90 6.44 -13.25 -13.46
CA VAL A 90 6.72 -14.51 -14.14
C VAL A 90 5.89 -14.59 -15.41
N GLY A 91 6.33 -15.47 -16.31
CA GLY A 91 5.64 -15.68 -17.57
C GLY A 91 4.78 -16.93 -17.61
N VAL A 92 4.32 -17.39 -16.45
CA VAL A 92 3.32 -18.45 -16.37
C VAL A 92 2.11 -17.86 -15.66
N PRO A 93 0.92 -18.45 -15.82
CA PRO A 93 -0.30 -17.90 -15.21
C PRO A 93 -0.32 -18.02 -13.69
N VAL A 94 -0.96 -17.03 -13.05
CA VAL A 94 -1.23 -17.05 -11.62
C VAL A 94 -2.70 -17.38 -11.39
N VAL A 95 -2.95 -18.41 -10.59
CA VAL A 95 -4.28 -18.79 -10.14
C VAL A 95 -4.40 -18.34 -8.69
N ALA A 96 -5.37 -17.49 -8.40
CA ALA A 96 -5.44 -16.87 -7.07
C ALA A 96 -6.42 -17.61 -6.17
N ASP A 97 -6.01 -17.79 -4.91
CA ASP A 97 -6.89 -18.25 -3.83
C ASP A 97 -7.59 -17.03 -3.25
N CYS A 98 -8.90 -16.89 -3.50
CA CYS A 98 -9.63 -15.71 -3.08
C CYS A 98 -10.64 -15.99 -1.97
N ASP A 99 -10.40 -17.02 -1.16
CA ASP A 99 -11.17 -17.25 0.08
C ASP A 99 -12.64 -17.39 -0.31
N THR A 100 -13.55 -16.66 0.32
CA THR A 100 -14.97 -16.74 -0.05
C THR A 100 -15.38 -15.64 -1.02
N GLY A 101 -14.44 -14.84 -1.51
CA GLY A 101 -14.79 -13.72 -2.35
C GLY A 101 -14.89 -12.40 -1.65
N TYR A 102 -14.52 -12.34 -0.36
CA TYR A 102 -14.34 -11.10 0.41
C TYR A 102 -15.65 -10.37 0.71
N GLY A 103 -16.76 -11.10 0.75
CA GLY A 103 -18.03 -10.50 1.05
C GLY A 103 -19.13 -11.09 0.20
N ASN A 104 -20.12 -10.29 -0.16
CA ASN A 104 -21.23 -10.80 -0.94
C ASN A 104 -20.93 -10.68 -2.43
N ALA A 105 -21.93 -10.92 -3.28
CA ALA A 105 -21.70 -10.88 -4.73
C ALA A 105 -21.17 -9.54 -5.21
N ASN A 106 -21.52 -8.44 -4.55
CA ASN A 106 -20.95 -7.16 -4.99
C ASN A 106 -19.47 -7.05 -4.67
N ASN A 107 -19.02 -7.59 -3.52
CA ASN A 107 -17.58 -7.65 -3.26
C ASN A 107 -16.89 -8.54 -4.28
N VAL A 108 -17.56 -9.63 -4.68
CA VAL A 108 -17.01 -10.55 -5.67
C VAL A 108 -16.78 -9.83 -6.99
N HIS A 110 -16.24 -6.57 -7.52
CA HIS A 110 -15.09 -5.68 -7.32
C HIS A 110 -13.79 -6.47 -7.36
N VAL A 112 -13.21 -9.42 -8.90
CA VAL A 112 -12.93 -9.84 -10.27
C VAL A 112 -12.35 -8.69 -11.09
N ARG A 113 -12.98 -7.51 -11.01
CA ARG A 113 -12.48 -6.36 -11.76
C ARG A 113 -11.03 -6.07 -11.41
N ARG A 114 -10.69 -6.04 -10.11
CA ARG A 114 -9.32 -5.70 -9.73
C ARG A 114 -8.33 -6.83 -10.07
N TYR A 115 -8.71 -8.09 -9.83
CA TYR A 115 -7.81 -9.21 -10.10
C TYR A 115 -7.55 -9.36 -11.60
N GLU A 116 -8.60 -9.21 -12.42
CA GLU A 116 -8.40 -9.34 -13.85
C GLU A 116 -7.49 -8.23 -14.36
N ALA A 117 -7.69 -7.00 -13.87
CA ALA A 117 -6.86 -5.89 -14.32
C ALA A 117 -5.41 -6.09 -13.92
N ALA A 118 -5.17 -6.83 -12.83
CA ALA A 118 -3.81 -7.09 -12.38
C ALA A 118 -3.15 -8.25 -13.13
N GLY A 119 -3.84 -8.84 -14.11
CA GLY A 119 -3.24 -9.89 -14.90
C GLY A 119 -3.33 -11.28 -14.32
N ILE A 120 -4.12 -11.47 -13.27
CA ILE A 120 -4.32 -12.80 -12.72
C ILE A 120 -5.15 -13.63 -13.70
N ALA A 121 -4.79 -14.90 -13.86
CA ALA A 121 -5.41 -15.74 -14.86
C ALA A 121 -6.74 -16.33 -14.39
N ALA A 122 -6.85 -16.65 -13.11
CA ALA A 122 -8.04 -17.29 -12.57
C ALA A 122 -8.17 -16.96 -11.09
N VAL A 123 -9.41 -16.94 -10.61
CA VAL A 123 -9.69 -16.70 -9.21
C VAL A 123 -10.54 -17.86 -8.70
N THR A 124 -10.30 -18.25 -7.46
CA THR A 124 -10.97 -19.38 -6.83
C THR A 124 -11.73 -18.87 -5.61
N ILE A 125 -13.04 -19.11 -5.57
CA ILE A 125 -13.86 -18.75 -4.43
C ILE A 125 -14.57 -19.99 -3.93
N GLU A 126 -14.71 -20.10 -2.62
CA GLU A 126 -15.21 -21.33 -2.00
C GLU A 126 -16.58 -21.11 -1.35
N ASP A 127 -17.35 -22.19 -1.27
CA ASP A 127 -18.74 -22.08 -0.84
C ASP A 127 -18.88 -22.03 0.67
N LYS A 128 -18.15 -21.13 1.32
CA LYS A 128 -18.33 -20.81 2.73
C LYS A 128 -18.70 -19.34 2.88
N ARG A 129 -18.95 -18.91 4.11
CA ARG A 129 -19.32 -17.54 4.41
C ARG A 129 -18.14 -16.77 5.01
N PHE A 130 -18.15 -15.45 4.81
CA PHE A 130 -17.10 -14.56 5.30
C PHE A 130 -17.25 -14.35 6.81
N PRO A 131 -16.15 -14.40 7.59
CA PRO A 131 -14.76 -14.69 7.17
C PRO A 131 -14.42 -16.17 7.07
N LYS A 132 -13.54 -16.46 6.10
CA LYS A 132 -13.11 -17.83 5.83
C LYS A 132 -12.60 -18.52 7.08
N VAL A 133 -12.94 -19.81 7.20
CA VAL A 133 -12.27 -20.74 8.11
C VAL A 133 -11.40 -21.64 7.25
N ASN A 134 -10.10 -21.67 7.53
CA ASN A 134 -9.16 -22.54 6.80
C ASN A 134 -9.67 -23.97 6.84
N SER A 135 -9.47 -24.71 5.76
CA SER A 135 -10.04 -26.05 5.66
C SER A 135 -9.53 -26.98 6.75
N PHE A 136 -8.37 -26.68 7.34
CA PHE A 136 -7.79 -27.55 8.35
C PHE A 136 -8.25 -27.21 9.76
N ILE A 137 -9.13 -26.24 9.93
CA ILE A 137 -9.85 -26.00 11.18
C ILE A 137 -10.71 -27.22 11.48
N PRO A 138 -10.56 -27.85 12.64
CA PRO A 138 -11.28 -29.11 12.91
C PRO A 138 -12.74 -28.85 13.29
N GLY A 139 -13.51 -29.93 13.20
CA GLY A 139 -14.93 -29.88 13.52
C GLY A 139 -15.77 -29.43 12.33
N ARG A 140 -17.09 -29.57 12.51
CA ARG A 140 -18.02 -29.20 11.46
C ARG A 140 -17.91 -27.71 11.14
N GLN A 141 -18.00 -27.38 9.84
CA GLN A 141 -17.88 -26.02 9.35
C GLN A 141 -19.14 -25.66 8.57
N GLU A 142 -19.47 -24.37 8.57
CA GLU A 142 -20.68 -23.88 7.91
C GLU A 142 -20.44 -23.64 6.42
N LEU A 143 -21.37 -24.10 5.60
CA LEU A 143 -21.34 -23.82 4.16
C LEU A 143 -22.27 -22.68 3.80
N ALA A 144 -21.91 -21.96 2.74
CA ALA A 144 -22.85 -21.05 2.10
C ALA A 144 -23.99 -21.85 1.50
N SER A 145 -25.17 -21.24 1.44
CA SER A 145 -26.27 -21.88 0.72
C SER A 145 -25.97 -21.89 -0.77
N VAL A 146 -26.54 -22.85 -1.48
CA VAL A 146 -26.30 -22.96 -2.92
C VAL A 146 -26.82 -21.74 -3.68
N PRO A 147 -28.02 -21.23 -3.43
CA PRO A 147 -28.46 -20.03 -4.16
C PRO A 147 -27.55 -18.84 -3.94
N GLU A 148 -27.11 -18.64 -2.69
CA GLU A 148 -26.23 -17.51 -2.38
C GLU A 148 -24.89 -17.65 -3.10
N PHE A 149 -24.30 -18.85 -3.06
CA PHE A 149 -23.00 -19.02 -3.69
C PHE A 149 -23.12 -18.97 -5.21
N CYS A 150 -24.19 -19.55 -5.77
CA CYS A 150 -24.39 -19.45 -7.21
C CYS A 150 -24.48 -18.00 -7.66
N GLY A 151 -25.11 -17.12 -6.86
CA GLY A 151 -25.14 -15.71 -7.19
C GLY A 151 -23.75 -15.09 -7.21
N ARG A 152 -22.89 -15.49 -6.28
CA ARG A 152 -21.50 -15.02 -6.30
C ARG A 152 -20.82 -15.43 -7.60
N ILE A 153 -21.04 -16.68 -8.05
CA ILE A 153 -20.41 -17.15 -9.27
C ILE A 153 -20.95 -16.40 -10.48
N GLU A 154 -22.29 -16.24 -10.54
CA GLU A 154 -22.87 -15.49 -11.64
C GLU A 154 -22.34 -14.07 -11.68
N ALA A 155 -22.22 -13.43 -10.51
CA ALA A 155 -21.71 -12.06 -10.45
C ALA A 155 -20.29 -11.99 -10.96
N ALA A 156 -19.46 -12.97 -10.59
CA ALA A 156 -18.07 -12.99 -11.04
C ALA A 156 -17.98 -13.09 -12.55
N LYS A 157 -18.74 -14.03 -13.16
CA LYS A 157 -18.73 -14.16 -14.61
C LYS A 157 -19.28 -12.91 -15.28
N ASP A 158 -20.23 -12.23 -14.64
CA ASP A 158 -20.76 -11.00 -15.21
C ASP A 158 -19.74 -9.87 -15.15
N ALA A 159 -18.89 -9.86 -14.11
CA ALA A 159 -17.96 -8.75 -13.95
C ALA A 159 -16.74 -8.86 -14.83
N GLN A 160 -16.35 -10.07 -15.26
CA GLN A 160 -15.11 -10.18 -16.00
C GLN A 160 -15.29 -9.62 -17.41
N ARG A 161 -14.17 -9.22 -18.01
CA ARG A 161 -14.15 -8.59 -19.33
C ARG A 161 -13.56 -9.46 -20.41
N ASP A 162 -12.45 -10.15 -20.14
CA ASP A 162 -11.88 -11.09 -21.08
C ASP A 162 -12.48 -12.47 -20.87
N PRO A 163 -13.11 -13.09 -21.88
CA PRO A 163 -13.68 -14.43 -21.69
C PRO A 163 -12.66 -15.47 -21.24
N ASP A 164 -11.36 -15.23 -21.49
CA ASP A 164 -10.34 -16.21 -21.10
C ASP A 164 -10.21 -16.33 -19.59
N PHE A 165 -10.51 -15.25 -18.87
CA PHE A 165 -10.41 -15.25 -17.42
C PHE A 165 -11.28 -16.36 -16.83
N VAL A 167 -13.11 -18.47 -13.53
CA VAL A 167 -13.66 -18.49 -12.17
C VAL A 167 -13.79 -19.93 -11.74
N ILE A 168 -13.07 -20.30 -10.69
CA ILE A 168 -13.03 -21.66 -10.18
C ILE A 168 -13.88 -21.73 -8.91
N ALA A 169 -14.88 -22.61 -8.90
CA ALA A 169 -15.74 -22.79 -7.73
C ALA A 169 -15.18 -23.91 -6.87
N ARG A 170 -14.81 -23.56 -5.64
CA ARG A 170 -14.20 -24.51 -4.71
C ARG A 170 -15.26 -25.08 -3.75
N ILE A 171 -15.32 -26.41 -3.68
CA ILE A 171 -16.37 -27.13 -2.96
C ILE A 171 -15.80 -27.59 -1.63
N GLU A 172 -16.30 -27.02 -0.52
CA GLU A 172 -15.84 -27.39 0.81
C GLU A 172 -16.78 -28.37 1.52
N ALA A 173 -17.74 -28.94 0.80
CA ALA A 173 -18.75 -29.80 1.44
C ALA A 173 -18.13 -31.00 2.16
N LEU A 174 -17.15 -31.65 1.55
CA LEU A 174 -16.51 -32.78 2.24
C LEU A 174 -15.71 -32.31 3.46
N ILE A 175 -14.97 -31.21 3.31
CA ILE A 175 -14.22 -30.64 4.43
C ILE A 175 -15.14 -30.41 5.62
N ALA A 176 -16.35 -29.90 5.34
CA ALA A 176 -17.31 -29.54 6.38
C ALA A 176 -18.06 -30.74 6.94
N GLY A 177 -17.86 -31.93 6.38
CA GLY A 177 -18.46 -33.14 6.92
C GLY A 177 -19.67 -33.65 6.18
N TRP A 178 -20.03 -33.04 5.05
CA TRP A 178 -21.13 -33.58 4.26
C TRP A 178 -20.61 -34.69 3.34
N ASP A 179 -21.55 -35.41 2.71
CA ASP A 179 -21.20 -36.61 1.98
C ASP A 179 -20.92 -36.33 0.51
N LEU A 180 -20.56 -37.38 -0.22
CA LEU A 180 -20.22 -37.26 -1.62
C LEU A 180 -21.37 -36.74 -2.46
N ASP A 181 -22.60 -37.19 -2.18
CA ASP A 181 -23.71 -36.73 -3.01
C ASP A 181 -23.96 -35.24 -2.85
N GLU A 182 -23.73 -34.70 -1.66
CA GLU A 182 -23.89 -33.26 -1.46
C GLU A 182 -22.79 -32.48 -2.18
N ALA A 183 -21.55 -32.98 -2.13
CA ALA A 183 -20.47 -32.33 -2.87
C ALA A 183 -20.77 -32.31 -4.35
N LEU A 184 -21.33 -33.40 -4.89
CA LEU A 184 -21.66 -33.45 -6.30
C LEU A 184 -22.84 -32.54 -6.64
N ARG A 185 -23.86 -32.51 -5.78
CA ARG A 185 -24.98 -31.61 -6.02
C ARG A 185 -24.51 -30.18 -6.10
N ARG A 186 -23.63 -29.79 -5.18
CA ARG A 186 -23.12 -28.42 -5.15
C ARG A 186 -22.27 -28.12 -6.38
N GLY A 187 -21.29 -28.98 -6.66
CA GLY A 187 -20.45 -28.78 -7.84
C GLY A 187 -21.26 -28.64 -9.11
N GLU A 188 -22.27 -29.49 -9.29
CA GLU A 188 -23.07 -29.40 -10.51
C GLU A 188 -23.84 -28.08 -10.57
N ALA A 189 -24.35 -27.62 -9.42
CA ALA A 189 -25.01 -26.33 -9.39
C ALA A 189 -24.02 -25.21 -9.70
N TYR A 190 -22.79 -25.31 -9.20
CA TYR A 190 -21.82 -24.25 -9.45
C TYR A 190 -21.42 -24.22 -10.92
N ALA A 191 -21.27 -25.40 -11.53
CA ALA A 191 -21.02 -25.44 -12.97
C ALA A 191 -22.16 -24.83 -13.76
N ALA A 192 -23.41 -25.17 -13.40
CA ALA A 192 -24.55 -24.56 -14.07
C ALA A 192 -24.58 -23.05 -13.89
N ALA A 193 -24.10 -22.55 -12.75
CA ALA A 193 -24.06 -21.11 -12.52
C ALA A 193 -22.97 -20.41 -13.33
N GLY A 194 -22.06 -21.15 -13.96
CA GLY A 194 -21.12 -20.53 -14.85
C GLY A 194 -19.66 -20.70 -14.50
N ALA A 195 -19.36 -21.49 -13.46
CA ALA A 195 -17.97 -21.70 -13.08
C ALA A 195 -17.24 -22.43 -14.20
N ASP A 196 -16.02 -21.96 -14.51
CA ASP A 196 -15.25 -22.60 -15.57
C ASP A 196 -14.63 -23.92 -15.11
N ALA A 197 -14.38 -24.06 -13.82
CA ALA A 197 -13.86 -25.28 -13.26
C ALA A 197 -14.37 -25.38 -11.83
N VAL A 198 -14.25 -26.58 -11.26
CA VAL A 198 -14.59 -26.81 -9.86
C VAL A 198 -13.38 -27.42 -9.18
N LEU A 199 -13.23 -27.13 -7.90
CA LEU A 199 -12.15 -27.67 -7.08
C LEU A 199 -12.81 -28.46 -5.96
N ILE A 200 -12.55 -29.76 -5.90
CA ILE A 200 -13.05 -30.60 -4.81
C ILE A 200 -11.93 -30.73 -3.78
N HIS A 201 -12.22 -30.35 -2.54
CA HIS A 201 -11.21 -30.44 -1.49
C HIS A 201 -11.59 -31.51 -0.48
N ALA A 202 -10.56 -32.06 0.17
CA ALA A 202 -10.70 -33.09 1.18
C ALA A 202 -9.46 -33.06 2.04
N LYS A 203 -9.58 -33.48 3.29
CA LYS A 203 -8.44 -33.40 4.20
C LYS A 203 -8.10 -34.75 4.85
N SER A 204 -8.54 -35.85 4.27
CA SER A 204 -8.14 -37.17 4.74
C SER A 204 -6.76 -37.54 4.17
N GLY A 205 -6.13 -38.52 4.81
CA GLY A 205 -4.91 -39.09 4.26
C GLY A 205 -5.14 -39.99 3.06
N SER A 206 -6.38 -40.46 2.86
CA SER A 206 -6.71 -41.31 1.74
C SER A 206 -7.20 -40.48 0.55
N PRO A 207 -6.77 -40.85 -0.66
CA PRO A 207 -7.27 -40.16 -1.87
C PRO A 207 -8.63 -40.63 -2.34
N GLN A 208 -9.16 -41.72 -1.78
CA GLN A 208 -10.42 -42.27 -2.27
C GLN A 208 -11.59 -41.29 -2.28
N PRO A 209 -11.80 -40.44 -1.24
CA PRO A 209 -12.91 -39.48 -1.32
C PRO A 209 -12.88 -38.62 -2.57
N VAL A 210 -11.70 -38.09 -2.92
CA VAL A 210 -11.57 -37.27 -4.12
C VAL A 210 -11.63 -38.15 -5.38
N LEU A 211 -11.05 -39.35 -5.32
CA LEU A 211 -11.19 -40.30 -6.43
C LEU A 211 -12.65 -40.61 -6.70
N ASP A 212 -13.43 -40.76 -5.64
CA ASP A 212 -14.86 -41.03 -5.78
C ASP A 212 -15.60 -39.86 -6.43
N PHE A 213 -15.24 -38.62 -6.06
CA PHE A 213 -15.81 -37.45 -6.73
C PHE A 213 -15.45 -37.46 -8.21
N LEU A 214 -14.17 -37.70 -8.52
CA LEU A 214 -13.70 -37.63 -9.91
C LEU A 214 -14.40 -38.67 -10.78
N GLN A 215 -14.55 -39.90 -10.27
CA GLN A 215 -15.21 -40.92 -11.07
C GLN A 215 -16.66 -40.57 -11.38
N ARG A 216 -17.33 -39.86 -10.47
CA ARG A 216 -18.74 -39.58 -10.65
C ARG A 216 -19.02 -38.22 -11.28
N TRP A 217 -18.01 -37.37 -11.42
CA TRP A 217 -18.18 -36.11 -12.15
C TRP A 217 -18.31 -36.37 -13.64
N HIS A 218 -19.42 -35.92 -14.24
CA HIS A 218 -19.68 -36.18 -15.65
C HIS A 218 -19.87 -34.93 -16.48
N LEU A 219 -19.75 -33.75 -15.89
CA LEU A 219 -19.89 -32.52 -16.65
C LEU A 219 -18.59 -32.21 -17.37
N PRO A 220 -18.63 -31.36 -18.42
CA PRO A 220 -17.39 -31.08 -19.16
C PRO A 220 -16.42 -30.17 -18.41
N GLN A 221 -16.85 -29.46 -17.37
CA GLN A 221 -15.94 -28.54 -16.69
C GLN A 221 -14.82 -29.31 -15.99
N PRO A 222 -13.58 -28.84 -16.11
CA PRO A 222 -12.47 -29.54 -15.47
C PRO A 222 -12.50 -29.42 -13.96
N VAL A 223 -11.83 -30.37 -13.31
CA VAL A 223 -11.80 -30.48 -11.86
C VAL A 223 -10.37 -30.23 -11.38
N VAL A 224 -10.25 -29.38 -10.35
CA VAL A 224 -8.98 -29.05 -9.71
C VAL A 224 -8.90 -29.81 -8.40
N VAL A 225 -7.70 -30.29 -8.05
CA VAL A 225 -7.50 -30.99 -6.79
C VAL A 225 -6.25 -30.46 -6.11
N VAL A 226 -6.24 -30.58 -4.79
CA VAL A 226 -5.19 -30.04 -3.93
C VAL A 226 -4.78 -31.15 -2.96
N PRO A 227 -3.81 -32.01 -3.35
CA PRO A 227 -3.53 -33.22 -2.55
C PRO A 227 -2.63 -32.99 -1.35
N THR A 228 -2.88 -31.94 -0.57
CA THR A 228 -2.04 -31.66 0.60
C THR A 228 -2.01 -32.83 1.57
N THR A 229 -3.18 -33.33 1.95
CA THR A 229 -3.25 -34.38 2.96
C THR A 229 -3.15 -35.78 2.37
N TYR A 230 -3.72 -36.01 1.19
CA TYR A 230 -3.67 -37.31 0.53
C TYR A 230 -2.55 -37.34 -0.51
N HIS A 231 -1.35 -37.06 -0.01
CA HIS A 231 -0.21 -36.74 -0.88
C HIS A 231 0.36 -37.95 -1.60
N THR A 232 -0.04 -39.19 -1.25
CA THR A 232 0.62 -40.33 -1.85
C THR A 232 0.20 -40.56 -3.29
N ILE A 233 -0.90 -39.99 -3.73
CA ILE A 233 -1.33 -40.16 -5.11
C ILE A 233 -0.58 -39.21 -6.01
N SER A 234 -0.12 -39.70 -7.15
CA SER A 234 0.68 -38.92 -8.07
C SER A 234 -0.20 -38.05 -8.96
N ALA A 235 0.40 -37.00 -9.52
CA ALA A 235 -0.30 -36.14 -10.46
C ALA A 235 -0.84 -36.93 -11.64
N ALA A 236 -0.05 -37.89 -12.16
CA ALA A 236 -0.52 -38.69 -13.29
C ALA A 236 -1.72 -39.55 -12.90
N GLU A 237 -1.69 -40.14 -11.71
CA GLU A 237 -2.83 -40.92 -11.25
C GLU A 237 -4.07 -40.05 -11.07
N LEU A 238 -3.89 -38.84 -10.52
CA LEU A 238 -5.03 -37.94 -10.39
C LEU A 238 -5.55 -37.53 -11.76
N GLY A 239 -4.65 -37.27 -12.72
CA GLY A 239 -5.10 -36.93 -14.06
C GLY A 239 -5.84 -38.07 -14.71
N ALA A 240 -5.32 -39.29 -14.56
CA ALA A 240 -5.98 -40.47 -15.14
C ALA A 240 -7.37 -40.69 -14.54
N ALA A 241 -7.55 -40.34 -13.26
CA ALA A 241 -8.84 -40.46 -12.60
C ALA A 241 -9.82 -39.35 -12.99
N GLY A 242 -9.34 -38.26 -13.59
CA GLY A 242 -10.23 -37.26 -14.11
C GLY A 242 -9.95 -35.85 -13.66
N ALA A 243 -8.90 -35.65 -12.88
CA ALA A 243 -8.50 -34.29 -12.49
C ALA A 243 -7.66 -33.66 -13.58
N LYS A 244 -7.90 -32.38 -13.83
CA LYS A 244 -7.17 -31.67 -14.87
C LYS A 244 -6.05 -30.82 -14.32
N VAL A 246 -3.58 -30.01 -10.75
CA VAL A 246 -3.14 -30.44 -9.42
C VAL A 246 -2.38 -29.28 -8.79
N VAL A 247 -2.74 -28.93 -7.56
CA VAL A 247 -2.20 -27.78 -6.85
C VAL A 247 -1.34 -28.28 -5.69
N TYR A 248 -0.06 -27.91 -5.70
CA TYR A 248 0.84 -28.17 -4.57
C TYR A 248 0.93 -26.88 -3.79
N ALA A 249 0.07 -26.75 -2.77
CA ALA A 249 -0.35 -25.44 -2.30
C ALA A 249 0.63 -24.78 -1.33
N ASN A 250 1.33 -25.54 -0.49
CA ASN A 250 2.07 -24.90 0.58
C ASN A 250 3.43 -25.53 0.85
N HIS A 251 3.97 -26.28 -0.11
CA HIS A 251 5.20 -27.01 0.17
C HIS A 251 6.43 -26.11 0.13
N GLY A 252 6.40 -25.06 -0.68
CA GLY A 252 7.49 -24.10 -0.65
C GLY A 252 7.62 -23.42 0.70
N LEU A 253 6.47 -22.97 1.24
CA LEU A 253 6.49 -22.35 2.56
C LEU A 253 7.00 -23.32 3.62
N ARG A 254 6.47 -24.54 3.59
CA ARG A 254 6.85 -25.51 4.61
C ARG A 254 8.33 -25.89 4.48
N ALA A 255 8.83 -25.99 3.25
CA ALA A 255 10.25 -26.27 3.09
C ALA A 255 11.09 -25.09 3.57
N GLY A 256 10.64 -23.88 3.27
CA GLY A 256 11.39 -22.70 3.68
C GLY A 256 11.46 -22.56 5.19
N ILE A 257 10.35 -22.81 5.88
CA ILE A 257 10.35 -22.69 7.33
C ILE A 257 11.37 -23.64 7.95
N GLN A 258 11.40 -24.89 7.49
CA GLN A 258 12.34 -25.86 8.08
C GLN A 258 13.78 -25.44 7.84
N ALA A 259 14.09 -24.96 6.63
CA ALA A 259 15.47 -24.59 6.30
C ALA A 259 15.92 -23.34 7.04
N VAL A 260 15.06 -22.31 7.09
CA VAL A 260 15.44 -21.06 7.74
C VAL A 260 15.62 -21.28 9.23
N SER A 261 14.67 -21.99 9.87
CA SER A 261 14.82 -22.30 11.29
C SER A 261 16.14 -23.00 11.56
N GLN A 262 16.45 -24.03 10.76
CA GLN A 262 17.68 -24.77 11.02
C GLN A 262 18.90 -23.90 10.77
N THR A 263 18.83 -23.05 9.74
CA THR A 263 19.94 -22.13 9.46
C THR A 263 20.16 -21.17 10.63
N PHE A 264 19.09 -20.55 11.13
CA PHE A 264 19.23 -19.63 12.24
C PHE A 264 19.78 -20.35 13.46
N GLU A 265 19.29 -21.56 13.74
CA GLU A 265 19.78 -22.30 14.90
C GLU A 265 21.27 -22.59 14.76
N THR A 266 21.70 -22.98 13.57
CA THR A 266 23.12 -23.33 13.38
C THR A 266 24.01 -22.10 13.50
N ILE A 267 23.57 -20.95 12.95
CA ILE A 267 24.38 -19.74 13.05
C ILE A 267 24.60 -19.34 14.51
N LEU A 268 23.56 -19.38 15.32
CA LEU A 268 23.70 -18.98 16.72
C LEU A 268 24.59 -19.96 17.48
N LYS A 269 24.43 -21.25 17.24
CA LYS A 269 25.23 -22.26 17.93
C LYS A 269 26.70 -22.21 17.52
N ASP A 270 26.98 -22.07 16.22
CA ASP A 270 28.36 -22.12 15.72
C ASP A 270 29.11 -20.82 15.94
N GLY A 271 28.40 -19.70 16.06
CA GLY A 271 28.99 -18.39 16.17
C GLY A 271 29.43 -17.77 14.85
N ARG A 272 29.10 -18.40 13.72
CA ARG A 272 29.48 -17.95 12.38
C ARG A 272 28.68 -18.78 11.38
N THR A 273 28.72 -18.38 10.10
CA THR A 273 27.92 -19.05 9.07
C THR A 273 28.72 -20.07 8.26
N THR A 274 30.01 -20.21 8.53
CA THR A 274 30.89 -21.00 7.66
C THR A 274 30.33 -22.38 7.36
N ALA A 275 29.76 -23.05 8.37
CA ALA A 275 29.35 -24.44 8.17
C ALA A 275 28.09 -24.57 7.32
N ILE A 276 27.38 -23.49 7.02
CA ILE A 276 26.23 -23.58 6.13
C ILE A 276 26.43 -22.86 4.81
N GLU A 277 27.60 -22.24 4.60
CA GLU A 277 27.85 -21.52 3.34
C GLU A 277 27.66 -22.41 2.13
N ASP A 278 28.08 -23.69 2.21
CA ASP A 278 27.94 -24.57 1.07
C ASP A 278 26.57 -25.24 1.00
N HIS A 279 25.65 -24.86 1.87
CA HIS A 279 24.31 -25.43 1.90
C HIS A 279 23.23 -24.38 1.73
N ILE A 280 23.59 -23.15 1.36
CA ILE A 280 22.62 -22.10 1.08
C ILE A 280 22.98 -21.51 -0.28
N ALA A 281 22.03 -20.80 -0.89
CA ALA A 281 22.25 -20.26 -2.23
C ALA A 281 23.40 -19.26 -2.21
N PRO A 282 24.34 -19.32 -3.17
CA PRO A 282 25.40 -18.30 -3.23
C PRO A 282 24.81 -16.96 -3.60
N LEU A 283 25.54 -15.89 -3.25
CA LEU A 283 25.10 -14.54 -3.62
C LEU A 283 24.87 -14.41 -5.12
N THR A 284 25.71 -15.06 -5.95
CA THR A 284 25.53 -14.93 -7.39
C THR A 284 24.19 -15.51 -7.84
N THR A 285 23.67 -16.54 -7.15
CA THR A 285 22.34 -17.04 -7.47
C THR A 285 21.26 -16.02 -7.12
N VAL A 286 21.39 -15.36 -5.96
CA VAL A 286 20.48 -14.28 -5.61
C VAL A 286 20.49 -13.21 -6.69
N PHE A 287 21.69 -12.81 -7.12
CA PHE A 287 21.78 -11.73 -8.10
C PHE A 287 21.09 -12.12 -9.39
N ASP A 288 21.28 -13.38 -9.83
CA ASP A 288 20.61 -13.85 -11.03
C ASP A 288 19.09 -13.78 -10.89
N LEU A 289 18.58 -14.19 -9.73
CA LEU A 289 17.15 -14.13 -9.46
C LEU A 289 16.61 -12.70 -9.35
N GLN A 290 17.47 -11.72 -9.07
CA GLN A 290 17.08 -10.32 -9.05
C GLN A 290 17.08 -9.68 -10.44
N GLY A 291 17.58 -10.39 -11.45
CA GLY A 291 17.71 -9.85 -12.79
C GLY A 291 18.91 -8.93 -12.98
N ASP A 293 21.85 -9.34 -14.43
CA ASP A 293 22.51 -9.30 -15.73
C ASP A 293 21.87 -8.26 -16.63
N GLU A 294 20.54 -8.31 -16.78
CA GLU A 294 19.85 -7.32 -17.58
C GLU A 294 19.96 -5.93 -16.97
N PHE A 295 19.89 -5.83 -15.64
CA PHE A 295 19.96 -4.53 -15.00
C PHE A 295 21.30 -3.83 -15.27
N GLN A 296 22.38 -4.58 -15.18
CA GLN A 296 23.70 -3.98 -15.40
C GLN A 296 23.90 -3.64 -16.87
N GLU A 297 23.37 -4.47 -17.77
CA GLU A 297 23.41 -4.14 -19.20
C GLU A 297 22.73 -2.80 -19.46
N ASN A 298 21.57 -2.58 -18.83
CA ASN A 298 20.82 -1.35 -19.05
C ASN A 298 21.49 -0.16 -18.39
N GLU A 299 22.16 -0.37 -17.26
CA GLU A 299 22.95 0.70 -16.67
C GLU A 299 24.03 1.16 -17.64
N LYS A 300 24.73 0.19 -18.24
CA LYS A 300 25.77 0.54 -19.21
C LYS A 300 25.16 1.26 -20.42
N ARG A 301 23.96 0.87 -20.84
CA ARG A 301 23.35 1.46 -22.05
C ARG A 301 22.88 2.91 -21.80
N PHE A 302 22.26 3.18 -20.65
CA PHE A 302 21.47 4.39 -20.49
C PHE A 302 21.87 5.31 -19.33
N VAL A 303 22.63 4.83 -18.34
CA VAL A 303 23.02 5.68 -17.23
C VAL A 303 24.33 6.36 -17.60
N ARG A 304 24.32 7.68 -17.69
CA ARG A 304 25.55 8.35 -18.08
C ARG A 304 25.59 9.72 -17.44
N GLY A 305 26.79 10.31 -17.36
CA GLY A 305 26.98 11.63 -16.82
C GLY A 305 27.16 12.67 -17.92
N GLY A 306 27.39 13.90 -17.48
CA GLY A 306 27.57 15.02 -18.41
C GLY A 306 28.78 14.89 -19.31
N HIS B 18 8.27 -0.71 22.00
CA HIS B 18 9.34 -1.00 22.95
C HIS B 18 10.71 -1.09 22.27
N GLY B 19 10.72 -1.13 20.93
CA GLY B 19 11.90 -1.42 20.15
C GLY B 19 13.17 -0.64 20.46
N ALA B 20 13.11 0.70 20.39
CA ALA B 20 14.32 1.49 20.58
C ALA B 20 14.86 1.36 21.99
N ALA B 21 13.97 1.35 22.99
CA ALA B 21 14.40 1.09 24.37
C ALA B 21 15.10 -0.25 24.49
N GLN B 22 14.56 -1.29 23.85
CA GLN B 22 15.17 -2.62 23.93
C GLN B 22 16.57 -2.62 23.30
N LEU B 23 16.73 -1.95 22.17
CA LEU B 23 18.02 -1.92 21.49
C LEU B 23 19.06 -1.16 22.30
N ARG B 24 18.66 -0.01 22.88
CA ARG B 24 19.58 0.69 23.78
C ARG B 24 20.03 -0.20 24.91
N ALA B 25 19.10 -0.99 25.47
CA ALA B 25 19.47 -1.87 26.58
C ALA B 25 20.48 -2.93 26.14
N LEU B 26 20.32 -3.44 24.91
CA LEU B 26 21.30 -4.37 24.36
C LEU B 26 22.66 -3.70 24.20
N PHE B 27 22.67 -2.43 23.76
CA PHE B 27 23.96 -1.74 23.60
C PHE B 27 24.57 -1.35 24.93
N ASP B 28 23.75 -1.10 25.95
CA ASP B 28 24.25 -0.67 27.25
C ASP B 28 24.69 -1.82 28.14
N ALA B 29 24.31 -3.04 27.82
CA ALA B 29 24.69 -4.22 28.60
C ALA B 29 25.90 -4.91 27.96
N PRO B 30 26.66 -5.69 28.74
CA PRO B 30 27.80 -6.40 28.16
C PRO B 30 27.36 -7.44 27.15
N GLY B 31 28.29 -7.79 26.27
CA GLY B 31 28.04 -8.87 25.34
C GLY B 31 27.86 -8.38 23.91
N THR B 32 28.05 -9.31 22.97
CA THR B 32 27.95 -9.03 21.54
C THR B 32 26.52 -9.25 21.07
N VAL B 33 25.95 -8.24 20.41
CA VAL B 33 24.58 -8.29 19.92
C VAL B 33 24.57 -8.96 18.55
N ARG B 34 23.63 -9.89 18.32
CA ARG B 34 23.56 -10.61 17.05
C ARG B 34 22.17 -10.46 16.49
N ILE B 35 22.06 -10.03 15.23
CA ILE B 35 20.75 -9.88 14.59
C ILE B 35 20.79 -10.61 13.26
N ALA B 36 19.60 -10.98 12.78
CA ALA B 36 19.46 -11.77 11.57
C ALA B 36 18.54 -11.07 10.58
N GLY B 37 18.90 -11.14 9.29
CA GLY B 37 18.05 -10.59 8.25
C GLY B 37 16.74 -11.33 8.11
N ALA B 38 15.69 -10.58 7.78
CA ALA B 38 14.41 -11.16 7.41
C ALA B 38 13.71 -10.19 6.46
N HIS B 39 12.74 -10.73 5.73
CA HIS B 39 12.03 -9.92 4.75
C HIS B 39 10.52 -10.05 4.86
N ASN B 40 10.01 -10.66 5.94
CA ASN B 40 8.59 -10.60 6.24
C ASN B 40 8.40 -10.97 7.71
N PRO B 41 7.20 -10.77 8.26
CA PRO B 41 7.00 -11.10 9.69
C PRO B 41 7.35 -12.53 10.05
N LEU B 42 7.06 -13.48 9.16
CA LEU B 42 7.36 -14.88 9.49
C LEU B 42 8.86 -15.09 9.70
N GLY B 43 9.68 -14.51 8.82
CA GLY B 43 11.12 -14.67 8.99
C GLY B 43 11.61 -14.03 10.27
N ALA B 44 11.06 -12.86 10.61
CA ALA B 44 11.39 -12.22 11.88
C ALA B 44 10.99 -13.11 13.05
N ARG B 45 9.80 -13.70 12.99
CA ARG B 45 9.36 -14.59 14.07
C ARG B 45 10.27 -15.81 14.19
N LEU B 46 10.73 -16.37 13.05
CA LEU B 46 11.68 -17.49 13.13
C LEU B 46 13.01 -17.07 13.76
N ALA B 47 13.50 -15.88 13.45
CA ALA B 47 14.74 -15.42 14.06
C ALA B 47 14.57 -15.17 15.56
N GLU B 48 13.44 -14.60 15.95
CA GLU B 48 13.17 -14.42 17.38
C GLU B 48 13.13 -15.76 18.10
N ARG B 49 12.39 -16.72 17.54
CA ARG B 49 12.28 -18.04 18.18
C ARG B 49 13.63 -18.74 18.26
N ALA B 50 14.48 -18.54 17.26
CA ALA B 50 15.79 -19.19 17.26
C ALA B 50 16.67 -18.60 18.36
N GLY B 51 16.44 -17.34 18.72
CA GLY B 51 17.18 -16.72 19.79
C GLY B 51 18.04 -15.53 19.39
N PHE B 52 17.81 -14.96 18.21
CA PHE B 52 18.50 -13.72 17.85
C PHE B 52 18.03 -12.55 18.71
N ASP B 53 18.94 -11.58 18.89
CA ASP B 53 18.64 -10.42 19.73
C ASP B 53 17.76 -9.41 19.03
N GLY B 54 17.69 -9.46 17.71
CA GLY B 54 16.96 -8.48 16.92
C GLY B 54 16.97 -8.88 15.46
N ILE B 55 16.33 -8.06 14.65
CA ILE B 55 16.07 -8.33 13.25
C ILE B 55 16.77 -7.26 12.42
N TRP B 56 17.38 -7.67 11.31
CA TRP B 56 17.87 -6.75 10.29
C TRP B 56 16.90 -6.74 9.11
N SER B 57 16.34 -5.56 8.80
CA SER B 57 15.36 -5.44 7.71
C SER B 57 16.17 -5.22 6.44
N SER B 58 16.59 -6.34 5.82
CA SER B 58 17.62 -6.36 4.78
C SER B 58 17.13 -5.79 3.46
N GLY B 59 17.86 -4.81 2.90
CA GLY B 59 17.53 -4.35 1.55
C GLY B 59 17.69 -5.46 0.52
N LEU B 60 18.73 -6.28 0.66
CA LEU B 60 18.94 -7.35 -0.29
C LEU B 60 17.83 -8.41 -0.18
N GLU B 61 17.50 -8.84 1.05
CA GLU B 61 16.46 -9.88 1.18
C GLU B 61 15.13 -9.37 0.67
N ILE B 62 14.77 -8.12 1.02
CA ILE B 62 13.45 -7.64 0.64
C ILE B 62 13.39 -7.43 -0.87
N SER B 63 14.42 -6.79 -1.45
CA SER B 63 14.48 -6.63 -2.90
C SER B 63 14.39 -7.99 -3.60
N ALA B 64 15.22 -8.93 -3.18
CA ALA B 64 15.23 -10.25 -3.83
C ALA B 64 13.87 -10.92 -3.67
N SER B 65 13.21 -10.75 -2.51
CA SER B 65 11.91 -11.39 -2.35
C SER B 65 10.89 -10.86 -3.36
N GLN B 66 11.09 -9.62 -3.84
CA GLN B 66 10.23 -9.02 -4.84
C GLN B 66 10.75 -9.25 -6.26
N GLY B 67 11.81 -10.03 -6.41
CA GLY B 67 12.35 -10.32 -7.73
C GLY B 67 13.10 -9.17 -8.36
N LEU B 68 13.59 -8.22 -7.56
CA LEU B 68 14.11 -6.97 -8.08
C LEU B 68 15.51 -6.66 -7.57
N PRO B 69 16.25 -5.81 -8.29
CA PRO B 69 17.57 -5.36 -7.81
C PRO B 69 17.51 -4.61 -6.49
N ASP B 70 18.60 -4.70 -5.74
CA ASP B 70 18.81 -3.93 -4.51
C ASP B 70 19.50 -2.61 -4.87
N ALA B 71 18.70 -1.69 -5.42
CA ALA B 71 19.24 -0.48 -6.04
C ALA B 71 18.24 0.68 -5.92
N ASP B 72 17.57 0.77 -4.77
CA ASP B 72 16.47 1.73 -4.58
C ASP B 72 15.47 1.64 -5.74
N ILE B 73 15.23 0.41 -6.19
CA ILE B 73 14.13 0.14 -7.10
C ILE B 73 12.84 0.01 -6.31
N LEU B 74 12.84 -0.81 -5.25
CA LEU B 74 11.80 -0.67 -4.24
C LEU B 74 11.89 0.72 -3.61
N THR B 75 10.73 1.28 -3.22
CA THR B 75 10.70 2.60 -2.59
C THR B 75 10.72 2.51 -1.07
N THR B 77 8.40 3.43 0.75
CA THR B 77 7.09 2.94 1.16
C THR B 77 7.08 1.42 1.27
N GLU B 78 7.66 0.75 0.26
CA GLU B 78 7.68 -0.71 0.26
C GLU B 78 8.62 -1.25 1.33
N LEU B 79 9.80 -0.62 1.51
CA LEU B 79 10.77 -1.11 2.47
C LEU B 79 10.30 -0.89 3.90
N LEU B 80 9.71 0.29 4.17
CA LEU B 80 9.12 0.57 5.48
C LEU B 80 7.94 -0.36 5.77
N GLY B 81 7.14 -0.68 4.75
CA GLY B 81 6.01 -1.57 4.97
C GLY B 81 6.46 -2.90 5.58
N VAL B 82 7.57 -3.44 5.07
CA VAL B 82 8.11 -4.70 5.62
C VAL B 82 8.67 -4.46 7.01
N ALA B 83 9.56 -3.46 7.14
CA ALA B 83 10.19 -3.21 8.44
C ALA B 83 9.13 -3.01 9.54
N GLY B 84 8.09 -2.23 9.26
CA GLY B 84 7.08 -1.96 10.27
C GLY B 84 6.24 -3.17 10.59
N SER B 85 5.90 -3.98 9.57
CA SER B 85 5.15 -5.21 9.86
C SER B 85 5.97 -6.17 10.68
N ALA B 87 8.36 -5.21 12.86
CA ALA B 87 8.47 -4.59 14.19
C ALA B 87 7.25 -4.91 15.04
N SER B 88 6.06 -4.90 14.45
CA SER B 88 4.87 -5.18 15.24
C SER B 88 4.64 -6.67 15.47
N ALA B 89 5.29 -7.54 14.70
CA ALA B 89 5.09 -8.98 14.83
C ALA B 89 5.99 -9.65 15.88
N VAL B 90 7.12 -9.03 16.25
CA VAL B 90 8.06 -9.68 17.16
C VAL B 90 8.37 -8.79 18.36
N GLY B 91 8.85 -9.43 19.43
CA GLY B 91 9.18 -8.69 20.64
C GLY B 91 10.66 -8.43 20.80
N VAL B 92 11.39 -8.38 19.69
CA VAL B 92 12.79 -7.96 19.68
C VAL B 92 12.90 -6.77 18.74
N PRO B 93 13.96 -5.97 18.89
CA PRO B 93 14.08 -4.75 18.05
C PRO B 93 14.38 -5.07 16.61
N VAL B 94 13.86 -4.19 15.73
CA VAL B 94 14.16 -4.21 14.29
C VAL B 94 15.12 -3.09 13.97
N VAL B 95 16.21 -3.45 13.30
CA VAL B 95 17.22 -2.51 12.80
C VAL B 95 17.03 -2.48 11.28
N ALA B 96 16.72 -1.31 10.72
CA ALA B 96 16.37 -1.22 9.30
C ALA B 96 17.57 -0.83 8.44
N ASP B 97 17.67 -1.47 7.29
CA ASP B 97 18.60 -1.09 6.23
C ASP B 97 17.88 -0.04 5.39
N CYS B 98 18.32 1.22 5.48
CA CYS B 98 17.62 2.29 4.77
C CYS B 98 18.45 2.88 3.63
N ASP B 99 19.30 2.06 3.01
CA ASP B 99 20.01 2.44 1.77
C ASP B 99 20.76 3.74 2.02
N THR B 100 20.57 4.78 1.19
CA THR B 100 21.23 6.07 1.39
C THR B 100 20.34 7.08 2.10
N GLY B 101 19.17 6.66 2.60
CA GLY B 101 18.27 7.60 3.22
C GLY B 101 17.20 8.12 2.28
N TYR B 102 17.15 7.59 1.04
CA TYR B 102 16.03 7.78 0.10
C TYR B 102 15.96 9.19 -0.48
N GLY B 103 17.10 9.89 -0.50
CA GLY B 103 17.18 11.20 -1.12
C GLY B 103 18.08 12.10 -0.32
N ASN B 104 17.72 13.38 -0.22
CA ASN B 104 18.60 14.29 0.49
C ASN B 104 18.19 14.38 1.96
N ALA B 105 18.75 15.37 2.68
CA ALA B 105 18.49 15.45 4.12
C ALA B 105 17.00 15.59 4.42
N ASN B 106 16.23 16.23 3.53
CA ASN B 106 14.78 16.32 3.77
C ASN B 106 14.09 14.96 3.62
N ASN B 107 14.50 14.14 2.66
CA ASN B 107 13.97 12.77 2.61
C ASN B 107 14.35 12.02 3.87
N VAL B 108 15.57 12.23 4.36
CA VAL B 108 16.03 11.52 5.55
C VAL B 108 15.15 11.87 6.73
N HIS B 110 12.00 12.84 6.76
CA HIS B 110 10.71 12.16 6.56
C HIS B 110 10.83 10.66 6.87
N VAL B 112 13.02 9.25 8.95
CA VAL B 112 13.11 9.04 10.40
C VAL B 112 11.73 9.16 11.04
N ARG B 113 10.96 10.19 10.66
CA ARG B 113 9.62 10.35 11.28
C ARG B 113 8.76 9.11 11.06
N ARG B 114 8.77 8.55 9.84
N ARG B 114 8.75 8.59 9.83
CA ARG B 114 7.87 7.44 9.57
CA ARG B 114 7.91 7.43 9.52
C ARG B 114 8.40 6.11 10.10
C ARG B 114 8.43 6.19 10.24
N TYR B 115 9.73 5.92 10.10
CA TYR B 115 10.29 4.70 10.69
C TYR B 115 10.15 4.72 12.20
N GLU B 116 10.40 5.87 12.82
CA GLU B 116 10.28 5.91 14.27
C GLU B 116 8.83 5.63 14.69
N ALA B 117 7.87 6.23 13.98
CA ALA B 117 6.46 6.07 14.32
C ALA B 117 6.01 4.62 14.15
N ALA B 118 6.62 3.90 13.21
CA ALA B 118 6.32 2.50 12.96
C ALA B 118 6.99 1.57 13.97
N GLY B 119 7.74 2.10 14.93
CA GLY B 119 8.33 1.26 15.96
C GLY B 119 9.66 0.65 15.62
N ILE B 120 10.30 1.06 14.53
CA ILE B 120 11.65 0.57 14.23
C ILE B 120 12.61 1.15 15.25
N ALA B 121 13.60 0.33 15.66
CA ALA B 121 14.50 0.75 16.73
C ALA B 121 15.67 1.58 16.23
N ALA B 122 16.17 1.28 15.03
CA ALA B 122 17.35 1.94 14.48
C ALA B 122 17.21 1.96 12.97
N VAL B 123 17.74 3.02 12.34
CA VAL B 123 17.83 3.08 10.88
C VAL B 123 19.30 3.22 10.49
N THR B 124 19.66 2.61 9.35
CA THR B 124 21.04 2.61 8.87
C THR B 124 21.07 3.27 7.51
N ILE B 125 21.88 4.32 7.37
CA ILE B 125 22.07 5.00 6.08
C ILE B 125 23.54 5.00 5.75
N GLU B 126 23.85 4.85 4.46
N GLU B 126 23.86 4.83 4.46
CA GLU B 126 25.23 4.72 4.00
CA GLU B 126 25.26 4.73 4.05
C GLU B 126 25.68 5.94 3.21
C GLU B 126 25.67 5.92 3.21
N ASP B 127 27.00 6.13 3.17
CA ASP B 127 27.62 7.31 2.61
C ASP B 127 27.80 7.21 1.11
N LYS B 128 26.69 6.93 0.43
CA LYS B 128 26.57 6.95 -1.02
C LYS B 128 25.41 7.86 -1.41
N ARG B 129 25.29 8.11 -2.70
CA ARG B 129 24.21 8.94 -3.21
C ARG B 129 23.10 8.09 -3.80
N PHE B 130 21.92 8.69 -3.89
CA PHE B 130 20.72 8.02 -4.41
C PHE B 130 20.75 7.97 -5.94
N PRO B 131 20.38 6.85 -6.56
CA PRO B 131 19.97 5.58 -5.96
C PRO B 131 21.14 4.73 -5.56
N LYS B 132 20.91 3.92 -4.53
CA LYS B 132 21.92 3.01 -3.99
C LYS B 132 22.56 2.15 -5.07
N VAL B 133 23.89 2.13 -5.05
CA VAL B 133 24.71 1.12 -5.71
C VAL B 133 25.07 0.13 -4.60
N ASN B 134 24.60 -1.11 -4.68
CA ASN B 134 24.80 -1.98 -3.54
C ASN B 134 26.26 -2.45 -3.51
N SER B 135 26.67 -2.93 -2.32
CA SER B 135 28.10 -3.13 -2.10
C SER B 135 28.71 -4.14 -3.05
N PHE B 136 27.93 -5.09 -3.55
CA PHE B 136 28.49 -6.15 -4.39
C PHE B 136 28.64 -5.76 -5.86
N ILE B 137 28.22 -4.56 -6.25
CA ILE B 137 28.50 -4.10 -7.63
C ILE B 137 30.02 -4.01 -7.83
N PRO B 138 30.57 -4.56 -8.91
CA PRO B 138 32.04 -4.55 -9.05
C PRO B 138 32.58 -3.19 -9.43
N GLY B 139 33.84 -2.94 -9.07
CA GLY B 139 34.55 -1.76 -9.53
C GLY B 139 34.49 -0.60 -8.55
N ARG B 140 35.26 0.45 -8.85
CA ARG B 140 35.22 1.62 -8.00
C ARG B 140 33.79 2.17 -7.93
N GLN B 141 33.41 2.67 -6.75
CA GLN B 141 32.07 3.22 -6.54
C GLN B 141 32.15 4.65 -6.03
N GLU B 142 31.13 5.44 -6.35
N GLU B 142 31.17 5.45 -6.39
CA GLU B 142 31.09 6.83 -5.93
CA GLU B 142 31.12 6.83 -5.93
C GLU B 142 30.59 6.96 -4.49
C GLU B 142 30.66 6.88 -4.47
N LEU B 143 31.32 7.73 -3.68
CA LEU B 143 30.87 8.03 -2.31
C LEU B 143 30.25 9.43 -2.23
N ALA B 144 29.30 9.58 -1.28
CA ALA B 144 28.81 10.90 -0.91
C ALA B 144 29.93 11.73 -0.31
N SER B 145 29.85 13.04 -0.48
CA SER B 145 30.84 13.88 0.20
C SER B 145 30.59 13.84 1.72
N VAL B 146 31.67 14.04 2.47
CA VAL B 146 31.53 14.05 3.93
C VAL B 146 30.61 15.16 4.41
N PRO B 147 30.71 16.41 3.92
CA PRO B 147 29.76 17.44 4.37
C PRO B 147 28.31 17.08 4.05
N GLU B 148 28.04 16.53 2.85
CA GLU B 148 26.66 16.21 2.50
C GLU B 148 26.11 15.07 3.36
N PHE B 149 26.91 14.03 3.57
CA PHE B 149 26.40 12.90 4.37
C PHE B 149 26.29 13.29 5.84
N CYS B 150 27.22 14.10 6.38
CA CYS B 150 27.05 14.57 7.75
C CYS B 150 25.76 15.37 7.90
N GLY B 151 25.39 16.14 6.87
CA GLY B 151 24.11 16.84 6.91
C GLY B 151 22.92 15.89 7.01
N ARG B 152 22.98 14.76 6.29
CA ARG B 152 21.91 13.75 6.41
C ARG B 152 21.85 13.20 7.84
N ILE B 153 23.03 12.91 8.44
CA ILE B 153 23.07 12.40 9.82
C ILE B 153 22.51 13.43 10.79
N GLU B 154 22.94 14.69 10.68
CA GLU B 154 22.42 15.73 11.57
C GLU B 154 20.91 15.86 11.43
N ALA B 155 20.41 15.77 10.18
CA ALA B 155 18.99 15.91 9.94
C ALA B 155 18.23 14.74 10.55
N ALA B 156 18.77 13.53 10.44
CA ALA B 156 18.15 12.37 11.07
C ALA B 156 18.00 12.55 12.58
N LYS B 157 19.09 12.96 13.26
CA LYS B 157 19.03 13.15 14.70
C LYS B 157 18.08 14.28 15.09
N ASP B 158 17.97 15.31 14.25
CA ASP B 158 17.06 16.42 14.54
C ASP B 158 15.60 15.99 14.39
N ALA B 159 15.32 15.05 13.48
CA ALA B 159 13.96 14.62 13.20
C ALA B 159 13.42 13.62 14.22
N GLN B 160 14.28 12.88 14.91
CA GLN B 160 13.74 11.87 15.79
C GLN B 160 13.13 12.52 17.04
N ARG B 161 12.19 11.81 17.65
CA ARG B 161 11.49 12.30 18.84
C ARG B 161 11.91 11.59 20.12
N ASP B 162 12.06 10.31 20.09
CA ASP B 162 12.53 9.59 21.29
C ASP B 162 14.05 9.50 21.25
N PRO B 163 14.77 9.93 22.28
CA PRO B 163 16.23 9.84 22.26
C PRO B 163 16.76 8.42 22.14
N ASP B 164 15.98 7.40 22.50
CA ASP B 164 16.45 6.01 22.36
C ASP B 164 16.61 5.57 20.90
N PHE B 165 15.89 6.17 19.96
CA PHE B 165 16.00 5.78 18.55
C PHE B 165 17.44 5.97 18.06
N VAL B 167 20.49 6.11 15.04
CA VAL B 167 20.88 6.37 13.65
C VAL B 167 22.26 5.77 13.46
N ILE B 168 22.39 4.81 12.55
CA ILE B 168 23.64 4.10 12.32
C ILE B 168 24.21 4.58 10.99
N ALA B 169 25.44 5.09 11.01
CA ALA B 169 26.10 5.59 9.80
C ALA B 169 26.97 4.49 9.21
N ARG B 170 26.64 4.05 7.99
CA ARG B 170 27.33 2.94 7.34
C ARG B 170 28.40 3.48 6.40
N ILE B 171 29.62 2.95 6.53
CA ILE B 171 30.80 3.44 5.83
C ILE B 171 31.09 2.47 4.69
N GLU B 172 30.94 2.94 3.45
CA GLU B 172 31.20 2.14 2.26
C GLU B 172 32.56 2.46 1.65
N ALA B 173 33.42 3.18 2.38
CA ALA B 173 34.71 3.59 1.81
C ALA B 173 35.56 2.42 1.31
N LEU B 174 35.68 1.34 2.11
CA LEU B 174 36.47 0.19 1.64
C LEU B 174 35.81 -0.45 0.43
N ILE B 175 34.49 -0.62 0.48
CA ILE B 175 33.74 -1.21 -0.63
C ILE B 175 34.05 -0.47 -1.93
N ALA B 176 34.07 0.87 -1.85
CA ALA B 176 34.16 1.75 -3.01
C ALA B 176 35.56 1.85 -3.60
N GLY B 177 36.58 1.41 -2.86
CA GLY B 177 37.95 1.41 -3.38
C GLY B 177 38.93 2.25 -2.58
N TRP B 178 38.51 2.80 -1.44
CA TRP B 178 39.37 3.64 -0.61
C TRP B 178 40.02 2.81 0.49
N ASP B 179 41.04 3.37 1.13
CA ASP B 179 41.78 2.63 2.13
C ASP B 179 41.23 2.83 3.55
N LEU B 180 41.83 2.11 4.50
CA LEU B 180 41.35 2.12 5.88
C LEU B 180 41.45 3.51 6.51
N ASP B 181 42.51 4.26 6.18
CA ASP B 181 42.61 5.65 6.66
C ASP B 181 41.38 6.45 6.28
N GLU B 182 40.93 6.30 5.03
CA GLU B 182 39.74 7.03 4.58
C GLU B 182 38.48 6.53 5.29
N ALA B 183 38.37 5.19 5.50
CA ALA B 183 37.21 4.66 6.20
C ALA B 183 37.12 5.21 7.62
N LEU B 184 38.26 5.28 8.30
CA LEU B 184 38.28 5.80 9.66
C LEU B 184 38.02 7.30 9.71
N ARG B 185 38.64 8.05 8.79
CA ARG B 185 38.35 9.48 8.69
C ARG B 185 36.85 9.74 8.54
N ARG B 186 36.19 8.98 7.65
CA ARG B 186 34.76 9.15 7.44
C ARG B 186 33.98 8.74 8.68
N GLY B 187 34.30 7.58 9.26
CA GLY B 187 33.56 7.14 10.43
C GLY B 187 33.65 8.16 11.56
N GLU B 188 34.84 8.73 11.76
CA GLU B 188 35.02 9.73 12.83
C GLU B 188 34.20 10.99 12.56
N ALA B 189 34.10 11.42 11.30
CA ALA B 189 33.26 12.55 10.96
C ALA B 189 31.79 12.21 11.21
N TYR B 190 31.37 10.99 10.88
CA TYR B 190 29.95 10.64 11.04
C TYR B 190 29.57 10.58 12.51
N ALA B 191 30.48 10.08 13.34
CA ALA B 191 30.27 10.08 14.79
C ALA B 191 30.14 11.50 15.31
N ALA B 192 31.04 12.39 14.86
CA ALA B 192 30.98 13.80 15.27
C ALA B 192 29.68 14.48 14.84
N ALA B 193 29.09 14.04 13.72
CA ALA B 193 27.84 14.57 13.20
C ALA B 193 26.62 14.07 14.00
N GLY B 194 26.82 13.10 14.89
CA GLY B 194 25.76 12.63 15.77
C GLY B 194 25.31 11.19 15.56
N ALA B 195 25.96 10.43 14.68
CA ALA B 195 25.58 9.03 14.52
C ALA B 195 25.76 8.31 15.86
N ASP B 196 24.78 7.47 16.21
CA ASP B 196 24.87 6.68 17.45
C ASP B 196 25.80 5.50 17.33
N ALA B 197 25.97 4.99 16.11
CA ALA B 197 26.86 3.87 15.87
C ALA B 197 27.37 4.01 14.45
N VAL B 198 28.50 3.37 14.15
CA VAL B 198 29.00 3.29 12.77
C VAL B 198 29.03 1.84 12.34
N LEU B 199 28.86 1.61 11.05
CA LEU B 199 28.91 0.27 10.49
C LEU B 199 30.02 0.28 9.45
N ILE B 200 31.08 -0.51 9.67
CA ILE B 200 32.17 -0.58 8.69
C ILE B 200 31.91 -1.79 7.81
N HIS B 201 31.82 -1.57 6.49
CA HIS B 201 31.54 -2.71 5.63
C HIS B 201 32.76 -3.13 4.80
N ALA B 202 32.78 -4.41 4.43
CA ALA B 202 33.85 -4.94 3.61
C ALA B 202 33.30 -6.12 2.83
N LYS B 203 33.87 -6.38 1.65
CA LYS B 203 33.40 -7.53 0.86
C LYS B 203 34.54 -8.48 0.50
N SER B 204 35.63 -8.41 1.26
CA SER B 204 36.74 -9.36 1.16
C SER B 204 36.40 -10.67 1.87
N GLY B 205 37.04 -11.75 1.43
CA GLY B 205 37.03 -12.96 2.24
C GLY B 205 37.73 -12.77 3.57
N SER B 206 38.77 -11.96 3.58
CA SER B 206 39.55 -11.78 4.79
C SER B 206 38.81 -10.87 5.76
N PRO B 207 38.72 -11.24 7.03
CA PRO B 207 38.19 -10.31 8.03
C PRO B 207 39.20 -9.25 8.44
N GLN B 208 40.44 -9.32 7.93
CA GLN B 208 41.48 -8.46 8.46
C GLN B 208 41.22 -6.97 8.28
N PRO B 209 40.68 -6.47 7.16
CA PRO B 209 40.38 -5.02 7.09
C PRO B 209 39.41 -4.57 8.17
N VAL B 210 38.39 -5.37 8.47
CA VAL B 210 37.44 -4.99 9.52
C VAL B 210 38.10 -5.08 10.89
N LEU B 211 38.89 -6.12 11.14
CA LEU B 211 39.62 -6.21 12.41
C LEU B 211 40.54 -5.01 12.60
N ASP B 212 41.21 -4.58 11.53
CA ASP B 212 42.06 -3.39 11.60
C ASP B 212 41.25 -2.14 11.95
N PHE B 213 40.09 -1.97 11.29
CA PHE B 213 39.22 -0.85 11.63
C PHE B 213 38.86 -0.88 13.11
N LEU B 214 38.40 -2.03 13.60
CA LEU B 214 37.96 -2.16 14.99
C LEU B 214 39.07 -1.80 15.97
N GLN B 215 40.30 -2.21 15.65
CA GLN B 215 41.45 -1.95 16.52
C GLN B 215 41.80 -0.46 16.54
N ARG B 216 41.60 0.23 15.42
CA ARG B 216 41.98 1.63 15.33
C ARG B 216 40.86 2.58 15.73
N TRP B 217 39.65 2.07 15.91
CA TRP B 217 38.52 2.89 16.30
C TRP B 217 38.62 3.22 17.79
N HIS B 218 38.77 4.51 18.11
N HIS B 218 38.77 4.50 18.12
CA HIS B 218 39.04 4.94 19.48
CA HIS B 218 39.01 4.90 19.50
C HIS B 218 37.99 5.92 20.00
C HIS B 218 37.85 5.67 20.12
N LEU B 219 36.83 5.99 19.35
CA LEU B 219 35.71 6.80 19.82
C LEU B 219 34.72 5.94 20.61
N PRO B 220 33.86 6.55 21.43
CA PRO B 220 32.94 5.74 22.25
C PRO B 220 31.77 5.11 21.48
N GLN B 221 31.43 5.64 20.30
CA GLN B 221 30.30 5.09 19.57
C GLN B 221 30.56 3.62 19.23
N PRO B 222 29.57 2.75 19.37
CA PRO B 222 29.75 1.34 19.04
C PRO B 222 29.86 1.11 17.54
N VAL B 223 30.47 -0.02 17.19
CA VAL B 223 30.68 -0.40 15.78
C VAL B 223 29.86 -1.63 15.45
N VAL B 224 29.21 -1.59 14.28
CA VAL B 224 28.39 -2.67 13.74
C VAL B 224 29.14 -3.30 12.57
N VAL B 225 29.05 -4.64 12.45
CA VAL B 225 29.72 -5.34 11.36
C VAL B 225 28.75 -6.34 10.71
N VAL B 226 28.99 -6.63 9.44
CA VAL B 226 28.12 -7.48 8.62
C VAL B 226 29.01 -8.48 7.89
N PRO B 227 29.33 -9.63 8.49
CA PRO B 227 30.38 -10.51 7.94
C PRO B 227 29.90 -11.46 6.86
N THR B 228 29.16 -10.93 5.88
CA THR B 228 28.64 -11.75 4.79
C THR B 228 29.76 -12.44 4.03
N THR B 229 30.75 -11.67 3.59
CA THR B 229 31.84 -12.28 2.81
C THR B 229 32.96 -12.81 3.68
N TYR B 230 33.26 -12.16 4.79
CA TYR B 230 34.37 -12.60 5.64
C TYR B 230 33.83 -13.49 6.76
N HIS B 231 33.13 -14.56 6.34
CA HIS B 231 32.28 -15.33 7.25
C HIS B 231 33.04 -16.21 8.23
N THR B 232 34.34 -16.45 8.04
CA THR B 232 35.04 -17.38 8.93
C THR B 232 35.26 -16.81 10.33
N ILE B 233 35.14 -15.51 10.52
CA ILE B 233 35.36 -14.95 11.85
C ILE B 233 34.10 -15.11 12.70
N SER B 234 34.29 -15.47 13.97
CA SER B 234 33.13 -15.69 14.83
C SER B 234 32.62 -14.38 15.44
N ALA B 235 31.35 -14.39 15.85
CA ALA B 235 30.79 -13.26 16.58
C ALA B 235 31.62 -12.94 17.83
N ALA B 236 32.06 -13.97 18.56
CA ALA B 236 32.88 -13.72 19.75
C ALA B 236 34.20 -13.04 19.40
N GLU B 237 34.84 -13.47 18.30
CA GLU B 237 36.10 -12.84 17.89
C GLU B 237 35.85 -11.41 17.43
N LEU B 238 34.76 -11.18 16.70
CA LEU B 238 34.43 -9.81 16.31
C LEU B 238 34.17 -8.96 17.54
N GLY B 239 33.46 -9.51 18.53
CA GLY B 239 33.22 -8.76 19.75
C GLY B 239 34.51 -8.43 20.50
N ALA B 240 35.40 -9.43 20.65
CA ALA B 240 36.66 -9.18 21.35
C ALA B 240 37.50 -8.13 20.63
N ALA B 241 37.39 -8.05 19.31
CA ALA B 241 38.15 -7.07 18.55
C ALA B 241 37.57 -5.67 18.64
N GLY B 242 36.32 -5.54 19.06
CA GLY B 242 35.74 -4.22 19.29
C GLY B 242 34.42 -3.94 18.60
N ALA B 243 33.80 -4.95 17.99
CA ALA B 243 32.47 -4.77 17.43
C ALA B 243 31.43 -5.04 18.49
N LYS B 244 30.35 -4.27 18.45
CA LYS B 244 29.26 -4.45 19.41
C LYS B 244 28.10 -5.26 18.84
N VAL B 246 26.73 -7.74 15.46
CA VAL B 246 27.08 -8.56 14.30
C VAL B 246 25.77 -8.87 13.56
N VAL B 247 25.73 -8.59 12.26
CA VAL B 247 24.55 -8.71 11.43
C VAL B 247 24.74 -9.87 10.48
N TYR B 248 23.86 -10.87 10.57
CA TYR B 248 23.81 -12.00 9.63
C TYR B 248 22.70 -11.67 8.65
N ALA B 249 23.10 -11.06 7.53
CA ALA B 249 22.17 -10.17 6.83
C ALA B 249 21.24 -10.90 5.86
N ASN B 250 21.66 -12.02 5.25
CA ASN B 250 20.88 -12.58 4.14
C ASN B 250 20.90 -14.12 4.12
N HIS B 251 21.25 -14.75 5.23
CA HIS B 251 21.36 -16.21 5.27
C HIS B 251 20.00 -16.89 5.27
N GLY B 252 18.99 -16.28 5.88
CA GLY B 252 17.66 -16.86 5.78
C GLY B 252 17.15 -16.92 4.35
N LEU B 253 17.28 -15.82 3.62
CA LEU B 253 16.90 -15.80 2.20
C LEU B 253 17.66 -16.87 1.43
N ARG B 254 18.98 -16.91 1.60
CA ARG B 254 19.79 -17.84 0.83
C ARG B 254 19.44 -19.29 1.18
N ALA B 255 19.14 -19.56 2.45
CA ALA B 255 18.73 -20.92 2.83
C ALA B 255 17.38 -21.27 2.22
N GLY B 256 16.45 -20.31 2.25
CA GLY B 256 15.13 -20.54 1.67
C GLY B 256 15.18 -20.82 0.19
N ILE B 257 15.98 -20.04 -0.56
CA ILE B 257 16.08 -20.24 -2.00
C ILE B 257 16.51 -21.67 -2.29
N GLN B 258 17.54 -22.13 -1.61
CA GLN B 258 18.05 -23.46 -1.90
C GLN B 258 17.03 -24.53 -1.56
N ALA B 259 16.36 -24.39 -0.42
CA ALA B 259 15.39 -25.41 0.00
C ALA B 259 14.16 -25.41 -0.89
N VAL B 260 13.68 -24.23 -1.29
CA VAL B 260 12.46 -24.15 -2.08
C VAL B 260 12.71 -24.64 -3.51
N SER B 261 13.83 -24.25 -4.12
N SER B 261 13.84 -24.27 -4.12
CA SER B 261 14.15 -24.76 -5.45
CA SER B 261 14.11 -24.77 -5.47
C SER B 261 14.25 -26.28 -5.45
C SER B 261 14.28 -26.28 -5.48
N GLN B 262 14.97 -26.83 -4.46
CA GLN B 262 15.10 -28.29 -4.39
C GLN B 262 13.75 -28.95 -4.19
N THR B 263 12.91 -28.35 -3.34
CA THR B 263 11.59 -28.92 -3.10
C THR B 263 10.76 -28.95 -4.36
N PHE B 264 10.74 -27.84 -5.12
CA PHE B 264 9.95 -27.78 -6.34
C PHE B 264 10.48 -28.76 -7.38
N GLU B 265 11.80 -28.87 -7.51
CA GLU B 265 12.37 -29.82 -8.45
C GLU B 265 11.94 -31.25 -8.11
N THR B 266 12.01 -31.60 -6.82
CA THR B 266 11.67 -32.96 -6.42
C THR B 266 10.18 -33.25 -6.65
N ILE B 267 9.30 -32.31 -6.32
CA ILE B 267 7.88 -32.53 -6.53
C ILE B 267 7.57 -32.82 -8.00
N LEU B 268 8.18 -32.05 -8.91
CA LEU B 268 7.91 -32.26 -10.33
C LEU B 268 8.47 -33.59 -10.80
N LYS B 269 9.66 -33.96 -10.31
CA LYS B 269 10.29 -35.21 -10.75
C LYS B 269 9.55 -36.43 -10.21
N ASP B 270 9.18 -36.40 -8.92
CA ASP B 270 8.53 -37.55 -8.29
C ASP B 270 7.06 -37.67 -8.66
N GLY B 271 6.43 -36.58 -9.10
CA GLY B 271 4.99 -36.52 -9.33
C GLY B 271 4.13 -36.49 -8.08
N ARG B 272 4.73 -36.31 -6.91
CA ARG B 272 4.02 -36.23 -5.65
C ARG B 272 4.98 -35.66 -4.60
N THR B 273 4.43 -35.30 -3.43
CA THR B 273 5.25 -34.71 -2.39
C THR B 273 5.69 -35.70 -1.33
N THR B 274 5.35 -36.99 -1.47
CA THR B 274 5.54 -37.92 -0.37
C THR B 274 6.99 -37.97 0.11
N ALA B 275 7.96 -37.92 -0.83
CA ALA B 275 9.35 -38.08 -0.44
C ALA B 275 9.87 -36.91 0.39
N ILE B 276 9.21 -35.75 0.34
CA ILE B 276 9.66 -34.58 1.09
C ILE B 276 8.81 -34.29 2.31
N GLU B 277 7.74 -35.06 2.56
CA GLU B 277 6.83 -34.73 3.66
C GLU B 277 7.53 -34.76 5.00
N ASP B 278 8.48 -35.68 5.19
CA ASP B 278 9.22 -35.74 6.43
C ASP B 278 10.37 -34.75 6.51
N HIS B 279 10.60 -33.94 5.48
CA HIS B 279 11.73 -33.02 5.46
C HIS B 279 11.28 -31.57 5.38
N ILE B 280 9.98 -31.30 5.47
CA ILE B 280 9.47 -29.93 5.49
C ILE B 280 8.62 -29.74 6.74
N ALA B 281 8.34 -28.49 7.07
CA ALA B 281 7.56 -28.18 8.26
C ALA B 281 6.16 -28.80 8.17
N PRO B 282 5.69 -29.48 9.21
CA PRO B 282 4.28 -29.89 9.23
C PRO B 282 3.38 -28.68 9.31
N LEU B 283 2.15 -28.85 8.81
CA LEU B 283 1.16 -27.78 8.87
C LEU B 283 0.94 -27.30 10.29
N THR B 284 1.01 -28.21 11.27
CA THR B 284 0.84 -27.80 12.66
C THR B 284 1.88 -26.78 13.10
N THR B 285 3.07 -26.82 12.52
CA THR B 285 4.08 -25.80 12.82
C THR B 285 3.71 -24.46 12.17
N VAL B 286 3.17 -24.51 10.95
CA VAL B 286 2.67 -23.29 10.32
C VAL B 286 1.58 -22.67 11.17
N PHE B 287 0.63 -23.49 11.62
CA PHE B 287 -0.48 -22.94 12.43
C PHE B 287 0.04 -22.31 13.71
N ASP B 288 1.03 -22.94 14.34
CA ASP B 288 1.62 -22.36 15.54
C ASP B 288 2.27 -21.01 15.26
N LEU B 289 3.02 -20.92 14.17
CA LEU B 289 3.65 -19.65 13.80
C LEU B 289 2.64 -18.57 13.48
N GLN B 290 1.42 -18.96 13.08
CA GLN B 290 0.37 -18.00 12.83
C GLN B 290 -0.35 -17.57 14.11
N GLY B 291 -0.06 -18.21 15.24
CA GLY B 291 -0.76 -17.88 16.48
C GLY B 291 -2.16 -18.46 16.56
N ASP B 293 -3.39 -21.00 18.25
CA ASP B 293 -3.89 -21.34 19.57
C ASP B 293 -4.63 -20.17 20.19
N GLU B 294 -3.95 -19.01 20.24
CA GLU B 294 -4.58 -17.81 20.78
C GLU B 294 -5.78 -17.39 19.94
N PHE B 295 -5.68 -17.53 18.61
CA PHE B 295 -6.79 -17.16 17.73
C PHE B 295 -8.04 -17.97 18.04
N GLN B 296 -7.86 -19.29 18.23
CA GLN B 296 -9.00 -20.15 18.51
C GLN B 296 -9.56 -19.90 19.91
N GLU B 297 -8.71 -19.59 20.89
CA GLU B 297 -9.23 -19.27 22.21
C GLU B 297 -10.07 -18.00 22.16
N ASN B 298 -9.60 -16.99 21.42
CA ASN B 298 -10.39 -15.76 21.32
C ASN B 298 -11.67 -15.99 20.53
N GLU B 299 -11.65 -16.90 19.57
CA GLU B 299 -12.90 -17.27 18.88
C GLU B 299 -13.90 -17.84 19.87
N LYS B 300 -13.45 -18.74 20.75
CA LYS B 300 -14.33 -19.33 21.75
C LYS B 300 -14.87 -18.25 22.70
N ARG B 301 -14.03 -17.29 23.08
CA ARG B 301 -14.44 -16.30 24.07
C ARG B 301 -15.44 -15.31 23.50
N PHE B 302 -15.25 -14.88 22.24
CA PHE B 302 -15.94 -13.69 21.75
C PHE B 302 -16.82 -13.87 20.53
N VAL B 303 -16.68 -14.95 19.77
CA VAL B 303 -17.47 -15.11 18.55
C VAL B 303 -18.72 -15.88 18.92
N ARG B 304 -19.89 -15.23 18.81
CA ARG B 304 -21.13 -15.79 19.34
C ARG B 304 -22.19 -15.89 18.27
N HIS C 18 -1.15 13.16 22.20
CA HIS C 18 -1.47 11.92 21.49
C HIS C 18 -2.98 11.63 21.53
N GLY C 19 -3.48 11.03 20.45
CA GLY C 19 -4.88 11.11 20.11
C GLY C 19 -5.81 10.62 21.21
N ALA C 20 -5.57 9.39 21.69
CA ALA C 20 -6.53 8.80 22.64
C ALA C 20 -6.62 9.61 23.93
N ALA C 21 -5.47 10.03 24.48
CA ALA C 21 -5.52 10.86 25.69
C ALA C 21 -6.21 12.20 25.42
N GLN C 22 -5.99 12.80 24.25
CA GLN C 22 -6.67 14.06 23.91
C GLN C 22 -8.18 13.87 23.87
N LEU C 23 -8.63 12.78 23.25
CA LEU C 23 -10.07 12.54 23.15
C LEU C 23 -10.68 12.31 24.52
N ARG C 24 -9.99 11.53 25.38
CA ARG C 24 -10.50 11.36 26.74
C ARG C 24 -10.62 12.72 27.44
N ALA C 25 -9.64 13.60 27.23
CA ALA C 25 -9.69 14.91 27.88
C ALA C 25 -10.90 15.70 27.39
N LEU C 26 -11.25 15.57 26.10
CA LEU C 26 -12.42 16.26 25.58
C LEU C 26 -13.70 15.70 26.20
N PHE C 27 -13.75 14.39 26.42
CA PHE C 27 -14.93 13.79 27.02
C PHE C 27 -15.00 14.09 28.51
N ASP C 28 -13.85 14.24 29.18
CA ASP C 28 -13.85 14.47 30.62
C ASP C 28 -14.10 15.92 31.01
N ALA C 29 -13.91 16.87 30.12
CA ALA C 29 -14.22 18.26 30.44
C ALA C 29 -15.60 18.63 29.91
N PRO C 30 -16.25 19.62 30.53
CA PRO C 30 -17.57 20.06 30.03
C PRO C 30 -17.50 20.60 28.62
N GLY C 31 -18.65 20.53 27.93
CA GLY C 31 -18.78 21.08 26.60
C GLY C 31 -19.09 20.07 25.51
N THR C 32 -19.73 20.52 24.45
CA THR C 32 -20.04 19.65 23.31
C THR C 32 -18.80 19.48 22.44
N VAL C 33 -18.48 18.25 22.08
CA VAL C 33 -17.35 17.96 21.21
C VAL C 33 -17.86 17.97 19.77
N ARG C 34 -17.18 18.69 18.86
CA ARG C 34 -17.58 18.72 17.46
C ARG C 34 -16.45 18.20 16.60
N ILE C 35 -16.75 17.24 15.73
CA ILE C 35 -15.73 16.72 14.83
C ILE C 35 -16.26 16.76 13.40
N ALA C 36 -15.34 16.83 12.44
CA ALA C 36 -15.69 16.96 11.03
C ALA C 36 -15.12 15.79 10.23
N GLY C 37 -15.89 15.37 9.23
CA GLY C 37 -15.41 14.33 8.32
C GLY C 37 -14.29 14.81 7.41
N ALA C 38 -13.37 13.90 7.12
CA ALA C 38 -12.29 14.17 6.19
C ALA C 38 -11.87 12.84 5.56
N HIS C 39 -11.25 12.93 4.38
CA HIS C 39 -10.83 11.73 3.68
C HIS C 39 -9.37 11.76 3.23
N ASN C 40 -8.59 12.74 3.70
CA ASN C 40 -7.15 12.69 3.50
C ASN C 40 -6.52 13.66 4.50
N PRO C 41 -5.17 13.63 4.66
CA PRO C 41 -4.54 14.52 5.65
C PRO C 41 -4.82 15.99 5.41
N LEU C 42 -4.98 16.42 4.16
CA LEU C 42 -5.25 17.84 3.90
C LEU C 42 -6.60 18.25 4.48
N GLY C 43 -7.64 17.45 4.24
CA GLY C 43 -8.95 17.74 4.82
C GLY C 43 -8.90 17.77 6.34
N ALA C 44 -8.16 16.84 6.94
CA ALA C 44 -8.02 16.84 8.39
C ALA C 44 -7.36 18.11 8.87
N ARG C 45 -6.30 18.54 8.16
CA ARG C 45 -5.60 19.77 8.55
C ARG C 45 -6.51 20.99 8.42
N LEU C 46 -7.34 21.04 7.39
CA LEU C 46 -8.28 22.16 7.26
C LEU C 46 -9.30 22.16 8.40
N ALA C 47 -9.77 20.98 8.81
CA ALA C 47 -10.71 20.90 9.92
C ALA C 47 -10.05 21.36 11.22
N GLU C 48 -8.81 20.93 11.44
CA GLU C 48 -8.06 21.39 12.61
C GLU C 48 -7.88 22.91 12.60
N ARG C 49 -7.44 23.46 11.46
CA ARG C 49 -7.23 24.91 11.39
C ARG C 49 -8.51 25.70 11.60
N ALA C 50 -9.65 25.16 11.13
CA ALA C 50 -10.93 25.86 11.32
C ALA C 50 -11.35 25.87 12.78
N GLY C 51 -10.94 24.87 13.54
CA GLY C 51 -11.23 24.83 14.96
C GLY C 51 -12.03 23.63 15.41
N PHE C 52 -12.19 22.60 14.58
CA PHE C 52 -12.87 21.40 15.07
C PHE C 52 -12.05 20.71 16.15
N ASP C 53 -12.76 20.02 17.06
CA ASP C 53 -12.10 19.32 18.14
C ASP C 53 -11.41 18.03 17.70
N GLY C 54 -11.84 17.46 16.58
CA GLY C 54 -11.21 16.26 16.08
C GLY C 54 -11.78 15.93 14.72
N ILE C 55 -11.37 14.76 14.20
CA ILE C 55 -11.67 14.34 12.84
C ILE C 55 -12.52 13.09 12.86
N TRP C 56 -13.48 12.99 11.92
CA TRP C 56 -14.22 11.76 11.65
C TRP C 56 -13.69 11.17 10.35
N SER C 57 -13.16 9.95 10.41
CA SER C 57 -12.56 9.30 9.23
C SER C 57 -13.71 8.57 8.54
N SER C 58 -14.40 9.31 7.67
CA SER C 58 -15.72 8.95 7.15
C SER C 58 -15.65 7.86 6.10
N GLY C 59 -16.40 6.77 6.30
CA GLY C 59 -16.47 5.74 5.25
C GLY C 59 -17.08 6.28 3.96
N LEU C 60 -18.10 7.12 4.07
CA LEU C 60 -18.72 7.73 2.90
C LEU C 60 -17.73 8.63 2.15
N GLU C 61 -17.04 9.53 2.87
CA GLU C 61 -16.12 10.41 2.17
C GLU C 61 -14.97 9.63 1.56
N ILE C 62 -14.42 8.64 2.27
CA ILE C 62 -13.26 7.95 1.73
C ILE C 62 -13.66 7.10 0.53
N SER C 63 -14.77 6.36 0.65
CA SER C 63 -15.24 5.55 -0.48
CA SER C 63 -15.20 5.55 -0.49
C SER C 63 -15.55 6.43 -1.69
N ALA C 64 -16.26 7.54 -1.45
CA ALA C 64 -16.58 8.44 -2.55
C ALA C 64 -15.31 9.00 -3.19
N SER C 65 -14.30 9.33 -2.37
CA SER C 65 -13.06 9.87 -2.95
C SER C 65 -12.41 8.87 -3.89
N GLN C 66 -12.63 7.57 -3.67
CA GLN C 66 -12.09 6.52 -4.53
C GLN C 66 -13.07 6.11 -5.64
N GLY C 67 -14.17 6.85 -5.78
CA GLY C 67 -15.19 6.59 -6.80
C GLY C 67 -16.01 5.34 -6.57
N LEU C 68 -16.13 4.89 -5.33
CA LEU C 68 -16.70 3.58 -5.04
C LEU C 68 -17.82 3.66 -4.01
N PRO C 69 -18.75 2.70 -4.03
CA PRO C 69 -19.79 2.63 -3.00
C PRO C 69 -19.23 2.53 -1.59
N ASP C 70 -20.01 3.07 -0.65
CA ASP C 70 -19.75 2.96 0.80
C ASP C 70 -20.43 1.69 1.31
N ALA C 71 -19.82 0.53 0.99
CA ALA C 71 -20.46 -0.77 1.23
C ALA C 71 -19.42 -1.85 1.54
N ASP C 72 -18.40 -1.50 2.33
CA ASP C 72 -17.25 -2.39 2.58
C ASP C 72 -16.67 -2.92 1.26
N ILE C 73 -16.71 -2.08 0.23
CA ILE C 73 -15.97 -2.34 -0.99
C ILE C 73 -14.49 -2.00 -0.79
N LEU C 74 -14.22 -0.82 -0.24
CA LEU C 74 -12.87 -0.57 0.28
C LEU C 74 -12.62 -1.49 1.47
N THR C 75 -11.36 -1.91 1.62
CA THR C 75 -11.03 -2.84 2.68
C THR C 75 -10.54 -2.10 3.91
N THR C 77 -7.65 -2.30 5.13
CA THR C 77 -6.33 -1.77 4.78
C THR C 77 -6.42 -0.38 4.17
N GLU C 78 -7.33 -0.22 3.21
CA GLU C 78 -7.50 1.08 2.55
C GLU C 78 -8.05 2.11 3.52
N LEU C 79 -9.04 1.74 4.34
CA LEU C 79 -9.64 2.73 5.24
C LEU C 79 -8.67 3.11 6.36
N LEU C 80 -7.90 2.13 6.87
CA LEU C 80 -6.91 2.42 7.90
C LEU C 80 -5.79 3.29 7.35
N GLY C 81 -5.41 3.08 6.09
CA GLY C 81 -4.34 3.89 5.53
C GLY C 81 -4.67 5.37 5.61
N VAL C 82 -5.92 5.72 5.32
CA VAL C 82 -6.35 7.12 5.39
C VAL C 82 -6.45 7.55 6.85
N ALA C 83 -7.13 6.77 7.69
CA ALA C 83 -7.26 7.19 9.09
C ALA C 83 -5.89 7.41 9.73
N GLY C 84 -4.95 6.51 9.48
CA GLY C 84 -3.66 6.61 10.13
C GLY C 84 -2.85 7.79 9.60
N SER C 85 -2.95 8.04 8.29
CA SER C 85 -2.22 9.19 7.75
CA SER C 85 -2.26 9.20 7.72
C SER C 85 -2.79 10.50 8.30
N ALA C 87 -4.25 10.77 11.33
CA ALA C 87 -3.86 10.84 12.73
C ALA C 87 -2.44 11.38 12.89
N SER C 88 -1.54 11.01 11.96
CA SER C 88 -0.19 11.52 12.12
C SER C 88 -0.03 12.95 11.59
N ALA C 89 -0.97 13.45 10.80
CA ALA C 89 -0.83 14.76 10.19
C ALA C 89 -1.38 15.90 11.04
N VAL C 90 -2.23 15.62 12.04
CA VAL C 90 -2.89 16.68 12.79
C VAL C 90 -2.71 16.43 14.28
N GLY C 91 -2.86 17.51 15.06
CA GLY C 91 -2.69 17.41 16.50
C GLY C 91 -4.00 17.38 17.27
N VAL C 92 -5.06 16.91 16.62
CA VAL C 92 -6.36 16.67 17.25
C VAL C 92 -6.69 15.20 17.03
N PRO C 93 -7.57 14.61 17.84
CA PRO C 93 -7.82 13.17 17.72
C PRO C 93 -8.63 12.80 16.49
N VAL C 94 -8.38 11.58 16.00
CA VAL C 94 -9.13 11.02 14.87
C VAL C 94 -10.05 9.94 15.40
N VAL C 95 -11.34 10.06 15.06
CA VAL C 95 -12.34 9.05 15.39
C VAL C 95 -12.65 8.33 14.09
N ALA C 96 -12.43 7.02 14.05
CA ALA C 96 -12.55 6.29 12.78
C ALA C 96 -13.93 5.64 12.64
N ASP C 97 -14.48 5.76 11.44
CA ASP C 97 -15.68 5.01 11.04
C ASP C 97 -15.21 3.64 10.58
N CYS C 98 -15.48 2.58 11.37
CA CYS C 98 -14.98 1.25 11.06
C CYS C 98 -16.08 0.29 10.62
N ASP C 99 -17.17 0.81 10.06
CA ASP C 99 -18.21 -0.03 9.43
C ASP C 99 -18.69 -1.04 10.47
N THR C 100 -18.73 -2.33 10.16
CA THR C 100 -19.19 -3.32 11.12
C THR C 100 -18.03 -3.99 11.85
N GLY C 101 -16.81 -3.51 11.65
CA GLY C 101 -15.65 -4.18 12.23
C GLY C 101 -14.94 -5.16 11.32
N TYR C 102 -15.37 -5.25 10.06
CA TYR C 102 -14.63 -5.91 8.98
C TYR C 102 -14.68 -7.43 9.10
N GLY C 103 -15.72 -7.96 9.75
CA GLY C 103 -15.89 -9.39 9.89
C GLY C 103 -16.33 -9.75 11.28
N ASN C 104 -15.85 -10.86 11.83
CA ASN C 104 -16.35 -11.31 13.13
C ASN C 104 -15.47 -10.74 14.24
N ALA C 105 -15.64 -11.24 15.47
CA ALA C 105 -14.88 -10.65 16.58
C ALA C 105 -13.36 -10.81 16.40
N ASN C 106 -12.90 -11.87 15.71
CA ASN C 106 -11.46 -11.95 15.45
C ASN C 106 -10.99 -10.84 14.50
N ASN C 107 -11.77 -10.53 13.47
CA ASN C 107 -11.43 -9.38 12.64
C ASN C 107 -11.42 -8.09 13.44
N VAL C 108 -12.37 -7.96 14.38
CA VAL C 108 -12.45 -6.77 15.20
C VAL C 108 -11.19 -6.61 16.04
N HIS C 110 -8.16 -7.75 15.35
CA HIS C 110 -7.08 -7.37 14.45
C HIS C 110 -7.18 -5.89 14.10
N VAL C 112 -8.60 -3.49 15.92
CA VAL C 112 -8.24 -2.64 17.05
C VAL C 112 -6.72 -2.56 17.20
N ARG C 113 -6.05 -3.71 17.14
CA ARG C 113 -4.60 -3.68 17.26
C ARG C 113 -3.98 -2.73 16.23
N ARG C 114 -4.46 -2.79 14.98
CA ARG C 114 -3.80 -2.00 13.94
C ARG C 114 -4.19 -0.51 14.05
N TYR C 115 -5.47 -0.25 14.34
CA TYR C 115 -5.92 1.14 14.46
C TYR C 115 -5.28 1.81 15.67
N GLU C 116 -5.19 1.10 16.80
CA GLU C 116 -4.56 1.70 17.97
C GLU C 116 -3.09 1.99 17.68
N ALA C 117 -2.38 1.05 17.07
CA ALA C 117 -0.96 1.25 16.77
C ALA C 117 -0.75 2.45 15.84
N ALA C 118 -1.73 2.75 14.99
CA ALA C 118 -1.63 3.86 14.05
C ALA C 118 -2.02 5.19 14.68
N GLY C 119 -2.37 5.19 15.96
CA GLY C 119 -2.62 6.39 16.73
C GLY C 119 -4.04 6.93 16.61
N ILE C 120 -4.96 6.14 16.07
CA ILE C 120 -6.37 6.55 16.06
C ILE C 120 -6.89 6.56 17.49
N ALA C 121 -7.73 7.55 17.81
CA ALA C 121 -8.17 7.75 19.19
C ALA C 121 -9.35 6.86 19.55
N ALA C 122 -10.23 6.59 18.59
CA ALA C 122 -11.46 5.86 18.84
C ALA C 122 -11.87 5.17 17.55
N VAL C 123 -12.48 4.01 17.67
CA VAL C 123 -13.04 3.29 16.54
C VAL C 123 -14.53 3.11 16.77
N THR C 124 -15.30 3.19 15.69
CA THR C 124 -16.76 3.09 15.76
C THR C 124 -17.17 1.89 14.94
N ILE C 125 -17.90 0.95 15.56
CA ILE C 125 -18.42 -0.22 14.85
C ILE C 125 -19.92 -0.29 15.06
N GLU C 126 -20.64 -0.71 14.02
CA GLU C 126 -22.11 -0.65 14.05
C GLU C 126 -22.70 -2.04 14.05
N ASP C 127 -23.90 -2.12 14.62
CA ASP C 127 -24.55 -3.41 14.90
C ASP C 127 -25.26 -3.96 13.67
N LYS C 128 -24.54 -4.03 12.55
CA LYS C 128 -25.01 -4.69 11.33
C LYS C 128 -24.02 -5.79 10.96
N ARG C 129 -24.34 -6.54 9.91
CA ARG C 129 -23.49 -7.64 9.45
C ARG C 129 -22.66 -7.21 8.26
N PHE C 130 -21.54 -7.93 8.05
CA PHE C 130 -20.65 -7.61 6.94
C PHE C 130 -21.19 -8.24 5.65
N PRO C 131 -21.15 -7.53 4.51
CA PRO C 131 -20.64 -6.16 4.35
C PRO C 131 -21.68 -5.09 4.65
N LYS C 132 -21.18 -3.94 5.09
CA LYS C 132 -22.03 -2.85 5.53
C LYS C 132 -22.92 -2.36 4.40
N VAL C 133 -24.16 -2.02 4.75
CA VAL C 133 -25.04 -1.19 3.93
C VAL C 133 -25.06 0.20 4.55
N ASN C 134 -24.68 1.21 3.76
CA ASN C 134 -24.69 2.61 4.20
C ASN C 134 -26.08 2.96 4.74
N SER C 135 -26.13 3.76 5.81
CA SER C 135 -27.42 4.00 6.46
C SER C 135 -28.44 4.63 5.53
N PHE C 136 -28.00 5.22 4.41
CA PHE C 136 -28.91 5.85 3.46
C PHE C 136 -29.48 4.91 2.42
N ILE C 137 -29.09 3.64 2.44
CA ILE C 137 -29.74 2.61 1.60
C ILE C 137 -31.21 2.48 2.03
N PRO C 138 -32.16 2.59 1.11
CA PRO C 138 -33.57 2.57 1.50
C PRO C 138 -34.04 1.21 2.02
N GLY C 139 -35.17 1.24 2.72
CA GLY C 139 -35.86 0.03 3.15
C GLY C 139 -35.31 -0.57 4.43
N ARG C 140 -35.98 -1.64 4.87
CA ARG C 140 -35.55 -2.36 6.05
C ARG C 140 -34.16 -2.96 5.84
N GLN C 141 -33.33 -2.86 6.88
CA GLN C 141 -31.97 -3.42 6.84
C GLN C 141 -31.82 -4.43 7.98
N GLU C 142 -30.76 -5.23 7.86
CA GLU C 142 -30.55 -6.36 8.74
C GLU C 142 -29.60 -5.96 9.86
N LEU C 143 -29.99 -6.26 11.09
CA LEU C 143 -29.18 -5.97 12.26
C LEU C 143 -28.45 -7.23 12.71
N ALA C 144 -27.26 -7.04 13.26
CA ALA C 144 -26.57 -8.10 13.98
C ALA C 144 -27.36 -8.48 15.23
N SER C 145 -27.26 -9.74 15.65
CA SER C 145 -27.88 -10.10 16.91
C SER C 145 -27.15 -9.39 18.05
N VAL C 146 -27.87 -9.16 19.16
CA VAL C 146 -27.24 -8.51 20.31
C VAL C 146 -26.09 -9.36 20.88
N PRO C 147 -26.23 -10.69 21.07
CA PRO C 147 -25.07 -11.45 21.57
C PRO C 147 -23.88 -11.39 20.65
N GLU C 148 -24.11 -11.46 19.33
CA GLU C 148 -22.97 -11.44 18.42
C GLU C 148 -22.28 -10.10 18.45
N PHE C 149 -23.04 -9.00 18.46
CA PHE C 149 -22.41 -7.68 18.47
C PHE C 149 -21.74 -7.40 19.82
N CYS C 150 -22.35 -7.83 20.92
CA CYS C 150 -21.71 -7.67 22.22
C CYS C 150 -20.37 -8.40 22.26
N GLY C 151 -20.30 -9.56 21.59
CA GLY C 151 -19.02 -10.26 21.47
C GLY C 151 -17.97 -9.45 20.73
N ARG C 152 -18.37 -8.72 19.68
CA ARG C 152 -17.44 -7.85 18.97
C ARG C 152 -16.93 -6.73 19.87
N ILE C 153 -17.84 -6.11 20.64
CA ILE C 153 -17.46 -5.05 21.56
C ILE C 153 -16.50 -5.58 22.63
N GLU C 154 -16.85 -6.71 23.25
CA GLU C 154 -15.97 -7.32 24.24
C GLU C 154 -14.59 -7.62 23.66
N ALA C 155 -14.54 -8.19 22.45
CA ALA C 155 -13.27 -8.51 21.81
C ALA C 155 -12.44 -7.24 21.58
N ALA C 156 -13.10 -6.16 21.14
CA ALA C 156 -12.40 -4.90 20.89
C ALA C 156 -11.76 -4.38 22.18
N LYS C 157 -12.53 -4.34 23.27
CA LYS C 157 -11.99 -3.87 24.55
C LYS C 157 -10.85 -4.77 25.02
N ASP C 158 -10.96 -6.08 24.77
CA ASP C 158 -9.89 -7.01 25.18
C ASP C 158 -8.62 -6.79 24.39
N ALA C 159 -8.76 -6.39 23.13
CA ALA C 159 -7.61 -6.26 22.23
C ALA C 159 -6.85 -4.96 22.43
N GLN C 160 -7.48 -3.93 22.99
CA GLN C 160 -6.76 -2.67 23.09
C GLN C 160 -5.74 -2.73 24.21
N ARG C 161 -4.73 -1.87 24.10
CA ARG C 161 -3.61 -1.83 25.05
C ARG C 161 -3.70 -0.63 25.97
N ASP C 162 -3.92 0.55 25.42
CA ASP C 162 -4.01 1.75 26.25
C ASP C 162 -5.47 1.94 26.67
N PRO C 163 -5.74 2.04 27.96
CA PRO C 163 -7.14 2.21 28.38
C PRO C 163 -7.78 3.48 27.84
N ASP C 164 -6.98 4.48 27.42
CA ASP C 164 -7.57 5.69 26.86
C ASP C 164 -8.27 5.45 25.52
N PHE C 165 -7.83 4.45 24.77
CA PHE C 165 -8.46 4.17 23.47
C PHE C 165 -9.94 3.88 23.66
N VAL C 167 -13.84 2.64 22.20
CA VAL C 167 -14.66 1.85 21.29
C VAL C 167 -16.08 2.41 21.36
N ILE C 168 -16.59 2.88 20.23
CA ILE C 168 -17.91 3.52 20.15
C ILE C 168 -18.86 2.54 19.47
N ALA C 169 -19.96 2.16 20.14
CA ALA C 169 -20.92 1.23 19.57
C ALA C 169 -22.01 2.02 18.85
N ARG C 170 -22.11 1.85 17.54
CA ARG C 170 -23.09 2.58 16.74
C ARG C 170 -24.35 1.73 16.57
N ILE C 171 -25.50 2.33 16.93
CA ILE C 171 -26.80 1.67 16.96
C ILE C 171 -27.53 2.02 15.67
N GLU C 172 -27.77 1.01 14.82
CA GLU C 172 -28.46 1.24 13.56
C GLU C 172 -29.93 0.82 13.62
N ALA C 173 -30.45 0.58 14.82
CA ALA C 173 -31.78 -0.01 14.96
C ALA C 173 -32.86 0.88 14.37
N LEU C 174 -32.76 2.21 14.55
CA LEU C 174 -33.79 3.08 13.98
C LEU C 174 -33.66 3.15 12.46
N ILE C 175 -32.42 3.25 11.97
CA ILE C 175 -32.15 3.21 10.54
C ILE C 175 -32.81 2.00 9.90
N ALA C 176 -32.71 0.85 10.56
CA ALA C 176 -33.19 -0.43 10.03
C ALA C 176 -34.70 -0.58 10.15
N GLY C 177 -35.38 0.34 10.84
CA GLY C 177 -36.82 0.30 10.95
C GLY C 177 -37.38 -0.22 12.25
N TRP C 178 -36.55 -0.40 13.28
CA TRP C 178 -37.01 -0.83 14.59
C TRP C 178 -37.35 0.39 15.45
N ASP C 179 -38.04 0.15 16.56
CA ASP C 179 -38.50 1.28 17.33
C ASP C 179 -37.49 1.67 18.41
N LEU C 180 -37.86 2.72 19.16
CA LEU C 180 -36.93 3.30 20.13
C LEU C 180 -36.65 2.33 21.28
N ASP C 181 -37.66 1.57 21.73
CA ASP C 181 -37.40 0.55 22.75
C ASP C 181 -36.27 -0.38 22.32
N GLU C 182 -36.25 -0.74 21.04
CA GLU C 182 -35.23 -1.67 20.55
C GLU C 182 -33.86 -1.00 20.46
N ALA C 183 -33.83 0.26 20.02
CA ALA C 183 -32.57 0.99 20.00
C ALA C 183 -31.99 1.15 21.41
N LEU C 184 -32.85 1.39 22.41
CA LEU C 184 -32.38 1.56 23.78
C LEU C 184 -31.94 0.24 24.38
N ARG C 185 -32.70 -0.84 24.15
CA ARG C 185 -32.30 -2.18 24.58
C ARG C 185 -30.91 -2.51 24.06
N ARG C 186 -30.68 -2.23 22.78
CA ARG C 186 -29.37 -2.49 22.18
C ARG C 186 -28.29 -1.59 22.78
N GLY C 187 -28.55 -0.29 22.82
CA GLY C 187 -27.56 0.62 23.40
C GLY C 187 -27.16 0.23 24.81
N GLU C 188 -28.15 -0.09 25.65
CA GLU C 188 -27.85 -0.49 27.03
C GLU C 188 -27.03 -1.78 27.08
N ALA C 189 -27.31 -2.73 26.18
CA ALA C 189 -26.50 -3.95 26.15
C ALA C 189 -25.08 -3.65 25.69
N TYR C 190 -24.91 -2.78 24.70
CA TYR C 190 -23.58 -2.47 24.19
C TYR C 190 -22.73 -1.77 25.25
N ALA C 191 -23.37 -0.88 26.03
CA ALA C 191 -22.68 -0.24 27.15
C ALA C 191 -22.26 -1.29 28.18
N ALA C 192 -23.16 -2.23 28.51
CA ALA C 192 -22.81 -3.25 29.49
C ALA C 192 -21.66 -4.12 28.99
N ALA C 193 -21.55 -4.30 27.67
CA ALA C 193 -20.48 -5.10 27.08
C ALA C 193 -19.14 -4.36 27.06
N GLY C 194 -19.13 -3.07 27.36
CA GLY C 194 -17.86 -2.37 27.48
C GLY C 194 -17.70 -1.20 26.55
N ALA C 195 -18.68 -0.87 25.72
CA ALA C 195 -18.52 0.28 24.84
C ALA C 195 -18.33 1.55 25.67
N ASP C 196 -17.39 2.40 25.23
CA ASP C 196 -17.10 3.63 25.95
C ASP C 196 -18.11 4.71 25.66
N ALA C 197 -18.78 4.62 24.51
CA ALA C 197 -19.78 5.59 24.09
C ALA C 197 -20.70 4.87 23.11
N VAL C 198 -21.90 5.41 22.95
CA VAL C 198 -22.82 4.88 21.95
C VAL C 198 -23.13 5.99 20.96
N LEU C 199 -23.37 5.59 19.70
CA LEU C 199 -23.78 6.53 18.66
C LEU C 199 -25.17 6.11 18.23
N ILE C 200 -26.15 6.98 18.43
CA ILE C 200 -27.52 6.69 18.00
C ILE C 200 -27.74 7.37 16.66
N HIS C 201 -28.07 6.59 15.63
CA HIS C 201 -28.25 7.19 14.31
C HIS C 201 -29.72 7.21 13.90
N ALA C 202 -30.03 8.16 13.02
CA ALA C 202 -31.36 8.29 12.45
C ALA C 202 -31.23 9.08 11.16
N LYS C 203 -32.20 8.89 10.26
CA LYS C 203 -32.09 9.52 8.94
C LYS C 203 -33.35 10.30 8.58
N SER C 204 -34.15 10.68 9.57
CA SER C 204 -35.28 11.52 9.24
C SER C 204 -34.88 12.98 9.30
N GLY C 205 -35.74 13.85 8.75
CA GLY C 205 -35.46 15.28 8.82
C GLY C 205 -35.70 15.86 10.21
N SER C 206 -36.49 15.18 11.03
CA SER C 206 -36.76 15.63 12.38
C SER C 206 -35.69 15.11 13.33
N PRO C 207 -35.23 15.95 14.28
CA PRO C 207 -34.35 15.44 15.34
C PRO C 207 -35.07 14.64 16.42
N GLN C 208 -36.41 14.58 16.38
CA GLN C 208 -37.16 14.00 17.50
C GLN C 208 -36.77 12.56 17.83
N PRO C 209 -36.51 11.64 16.88
CA PRO C 209 -36.11 10.28 17.30
C PRO C 209 -34.85 10.26 18.14
N VAL C 210 -33.86 11.10 17.81
CA VAL C 210 -32.63 11.16 18.59
C VAL C 210 -32.88 11.86 19.93
N LEU C 211 -33.69 12.94 19.94
CA LEU C 211 -34.04 13.56 21.21
C LEU C 211 -34.76 12.58 22.13
N ASP C 212 -35.61 11.73 21.56
CA ASP C 212 -36.36 10.77 22.38
C ASP C 212 -35.42 9.73 22.99
N PHE C 213 -34.39 9.34 22.25
CA PHE C 213 -33.37 8.45 22.79
C PHE C 213 -32.64 9.10 23.98
N LEU C 214 -32.22 10.36 23.80
CA LEU C 214 -31.51 11.05 24.87
C LEU C 214 -32.36 11.20 26.12
N GLN C 215 -33.67 11.35 25.95
CA GLN C 215 -34.56 11.48 27.10
C GLN C 215 -34.57 10.23 27.95
N ARG C 216 -34.24 9.07 27.39
CA ARG C 216 -34.35 7.79 28.08
C ARG C 216 -32.99 7.13 28.34
N TRP C 217 -31.90 7.86 28.12
CA TRP C 217 -30.55 7.31 28.30
C TRP C 217 -30.06 7.68 29.69
N HIS C 218 -29.97 6.68 30.57
CA HIS C 218 -29.62 6.90 31.97
C HIS C 218 -28.24 6.38 32.31
N LEU C 219 -27.51 5.87 31.36
CA LEU C 219 -26.17 5.35 31.59
C LEU C 219 -25.14 6.45 31.51
N PRO C 220 -23.99 6.26 32.17
CA PRO C 220 -22.97 7.31 32.14
C PRO C 220 -22.26 7.44 30.80
N GLN C 221 -22.31 6.40 29.94
CA GLN C 221 -21.61 6.46 28.67
C GLN C 221 -22.09 7.65 27.84
N PRO C 222 -21.19 8.41 27.25
CA PRO C 222 -21.62 9.53 26.41
C PRO C 222 -22.28 9.06 25.12
N VAL C 223 -23.11 9.94 24.57
CA VAL C 223 -23.86 9.66 23.35
C VAL C 223 -23.34 10.55 22.22
N VAL C 224 -23.10 9.93 21.07
CA VAL C 224 -22.62 10.57 19.85
C VAL C 224 -23.77 10.66 18.87
N VAL C 225 -23.89 11.80 18.17
CA VAL C 225 -24.97 11.99 17.21
C VAL C 225 -24.38 12.51 15.92
N VAL C 226 -25.05 12.22 14.81
CA VAL C 226 -24.57 12.55 13.47
C VAL C 226 -25.73 13.20 12.72
N PRO C 227 -25.92 14.53 12.81
CA PRO C 227 -27.13 15.19 12.31
C PRO C 227 -27.12 15.51 10.81
N THR C 228 -26.74 14.51 10.00
CA THR C 228 -26.70 14.72 8.55
C THR C 228 -28.07 15.08 7.99
N THR C 229 -29.10 14.28 8.30
CA THR C 229 -30.43 14.54 7.76
C THR C 229 -31.23 15.51 8.61
N TYR C 230 -31.07 15.46 9.94
CA TYR C 230 -31.84 16.35 10.81
C TYR C 230 -30.98 17.57 11.16
N HIS C 231 -30.56 18.28 10.11
CA HIS C 231 -29.50 19.27 10.22
C HIS C 231 -29.96 20.57 10.89
N THR C 232 -31.26 20.77 11.09
CA THR C 232 -31.69 22.06 11.61
C THR C 232 -31.39 22.25 13.10
N ILE C 233 -31.14 21.19 13.85
CA ILE C 233 -30.81 21.32 15.27
C ILE C 233 -29.33 21.66 15.42
N SER C 234 -29.04 22.61 16.30
CA SER C 234 -27.65 23.04 16.42
C SER C 234 -26.87 22.09 17.33
N ALA C 235 -25.53 22.18 17.25
CA ALA C 235 -24.71 21.38 18.16
C ALA C 235 -25.02 21.73 19.61
N ALA C 236 -25.26 23.00 19.88
CA ALA C 236 -25.54 23.40 21.26
C ALA C 236 -26.90 22.90 21.71
N GLU C 237 -27.88 22.85 20.80
CA GLU C 237 -29.18 22.26 21.16
C GLU C 237 -29.07 20.77 21.39
N LEU C 238 -28.28 20.08 20.57
CA LEU C 238 -28.05 18.64 20.82
C LEU C 238 -27.35 18.43 22.15
N GLY C 239 -26.35 19.25 22.45
CA GLY C 239 -25.69 19.13 23.75
C GLY C 239 -26.64 19.41 24.91
N ALA C 240 -27.50 20.44 24.76
CA ALA C 240 -28.45 20.72 25.82
C ALA C 240 -29.44 19.57 26.00
N ALA C 241 -29.63 18.74 24.98
CA ALA C 241 -30.55 17.61 25.07
C ALA C 241 -29.88 16.37 25.63
N GLY C 242 -28.56 16.38 25.81
CA GLY C 242 -27.84 15.26 26.40
C GLY C 242 -26.75 14.67 25.54
N ALA C 243 -26.59 15.10 24.27
CA ALA C 243 -25.53 14.53 23.45
C ALA C 243 -24.18 15.12 23.83
N LYS C 244 -23.13 14.31 23.71
CA LYS C 244 -21.78 14.79 24.05
C LYS C 244 -20.93 15.15 22.84
N VAL C 246 -20.93 15.69 18.50
CA VAL C 246 -21.70 15.93 17.28
C VAL C 246 -20.75 15.77 16.10
N VAL C 247 -21.12 14.92 15.14
CA VAL C 247 -20.27 14.58 13.99
C VAL C 247 -20.87 15.23 12.75
N TYR C 248 -20.08 16.08 12.06
CA TYR C 248 -20.47 16.63 10.75
C TYR C 248 -19.73 15.79 9.71
N ALA C 249 -20.41 14.79 9.17
CA ALA C 249 -19.70 13.64 8.63
C ALA C 249 -19.25 13.79 7.19
N ASN C 250 -19.96 14.56 6.36
N ASN C 250 -20.00 14.51 6.34
CA ASN C 250 -19.64 14.51 4.94
CA ASN C 250 -19.74 14.50 4.89
C ASN C 250 -19.77 15.88 4.27
C ASN C 250 -19.76 15.89 4.26
N HIS C 251 -19.75 16.95 5.05
CA HIS C 251 -19.98 18.28 4.47
C HIS C 251 -18.77 18.79 3.71
N GLY C 252 -17.57 18.42 4.14
CA GLY C 252 -16.38 18.79 3.37
C GLY C 252 -16.37 18.19 1.98
N LEU C 253 -16.64 16.88 1.87
CA LEU C 253 -16.74 16.26 0.55
C LEU C 253 -17.83 16.93 -0.28
N ARG C 254 -19.02 17.13 0.30
CA ARG C 254 -20.11 17.69 -0.48
C ARG C 254 -19.80 19.11 -0.94
N ALA C 255 -19.11 19.89 -0.10
CA ALA C 255 -18.73 21.24 -0.54
C ALA C 255 -17.68 21.17 -1.63
N GLY C 256 -16.69 20.29 -1.46
CA GLY C 256 -15.63 20.18 -2.45
C GLY C 256 -16.16 19.74 -3.80
N ILE C 257 -17.07 18.77 -3.83
CA ILE C 257 -17.63 18.33 -5.11
C ILE C 257 -18.26 19.51 -5.84
N GLN C 258 -19.09 20.29 -5.13
CA GLN C 258 -19.77 21.38 -5.80
C GLN C 258 -18.78 22.39 -6.35
N ALA C 259 -17.74 22.72 -5.56
CA ALA C 259 -16.79 23.75 -5.97
C ALA C 259 -15.88 23.26 -7.10
N VAL C 260 -15.46 22.01 -7.06
CA VAL C 260 -14.55 21.51 -8.09
C VAL C 260 -15.28 21.33 -9.41
N SER C 261 -16.52 20.79 -9.38
CA SER C 261 -17.32 20.72 -10.59
C SER C 261 -17.52 22.09 -11.21
N GLN C 262 -17.88 23.09 -10.40
CA GLN C 262 -18.11 24.41 -10.97
C GLN C 262 -16.82 24.99 -11.53
N THR C 263 -15.69 24.79 -10.83
CA THR C 263 -14.40 25.25 -11.32
C THR C 263 -14.05 24.64 -12.67
N PHE C 264 -14.18 23.32 -12.79
CA PHE C 264 -13.90 22.65 -14.06
C PHE C 264 -14.79 23.16 -15.18
N GLU C 265 -16.10 23.31 -14.90
N GLU C 265 -16.10 23.32 -14.90
CA GLU C 265 -17.02 23.83 -15.90
CA GLU C 265 -16.99 23.82 -15.94
C GLU C 265 -16.63 25.23 -16.35
C GLU C 265 -16.59 25.24 -16.37
N THR C 266 -16.23 26.09 -15.41
CA THR C 266 -15.87 27.46 -15.75
C THR C 266 -14.58 27.50 -16.57
N ILE C 267 -13.58 26.68 -16.21
CA ILE C 267 -12.32 26.72 -16.98
C ILE C 267 -12.58 26.34 -18.43
N LEU C 268 -13.37 25.30 -18.65
CA LEU C 268 -13.65 24.85 -20.02
C LEU C 268 -14.42 25.90 -20.80
N LYS C 269 -15.43 26.52 -20.18
CA LYS C 269 -16.24 27.51 -20.87
C LYS C 269 -15.43 28.76 -21.21
N ASP C 270 -14.66 29.26 -20.23
CA ASP C 270 -13.94 30.52 -20.39
C ASP C 270 -12.67 30.40 -21.24
N GLY C 271 -12.08 29.20 -21.30
CA GLY C 271 -10.83 29.04 -22.03
C GLY C 271 -9.59 29.37 -21.24
N ARG C 272 -9.75 29.78 -19.98
CA ARG C 272 -8.63 30.15 -19.12
C ARG C 272 -9.16 30.18 -17.70
N THR C 273 -8.26 30.32 -16.74
CA THR C 273 -8.65 30.30 -15.32
C THR C 273 -8.78 31.68 -14.71
N THR C 274 -8.59 32.75 -15.49
CA THR C 274 -8.45 34.08 -14.90
C THR C 274 -9.66 34.45 -14.04
N ALA C 275 -10.87 34.08 -14.46
CA ALA C 275 -12.07 34.53 -13.74
C ALA C 275 -12.28 33.82 -12.41
N ILE C 276 -11.53 32.75 -12.11
CA ILE C 276 -11.63 32.08 -10.82
C ILE C 276 -10.40 32.29 -9.96
N GLU C 277 -9.36 32.98 -10.45
CA GLU C 277 -8.13 33.07 -9.68
C GLU C 277 -8.35 33.75 -8.33
N ASP C 278 -9.24 34.74 -8.28
CA ASP C 278 -9.47 35.46 -7.02
C ASP C 278 -10.46 34.73 -6.12
N HIS C 279 -10.93 33.55 -6.51
CA HIS C 279 -11.91 32.79 -5.73
C HIS C 279 -11.48 31.36 -5.41
N ILE C 280 -10.21 31.03 -5.60
CA ILE C 280 -9.68 29.74 -5.19
C ILE C 280 -8.43 30.03 -4.38
N ALA C 281 -7.99 29.04 -3.61
CA ALA C 281 -6.84 29.24 -2.74
C ALA C 281 -5.60 29.58 -3.58
N PRO C 282 -4.83 30.58 -3.18
CA PRO C 282 -3.54 30.80 -3.87
C PRO C 282 -2.59 29.65 -3.60
N LEU C 283 -1.62 29.51 -4.49
CA LEU C 283 -0.60 28.50 -4.27
C LEU C 283 0.16 28.71 -2.96
N THR C 284 0.36 29.97 -2.55
CA THR C 284 1.00 30.21 -1.25
C THR C 284 0.24 29.54 -0.10
N THR C 285 -1.10 29.51 -0.16
CA THR C 285 -1.87 28.79 0.85
C THR C 285 -1.60 27.30 0.81
N VAL C 286 -1.52 26.72 -0.39
CA VAL C 286 -1.16 25.31 -0.52
C VAL C 286 0.21 25.05 0.10
N PHE C 287 1.19 25.88 -0.23
CA PHE C 287 2.53 25.66 0.32
C PHE C 287 2.52 25.71 1.83
N ASP C 288 1.74 26.64 2.40
CA ASP C 288 1.66 26.74 3.86
C ASP C 288 1.06 25.47 4.45
N LEU C 289 0.01 24.94 3.82
CA LEU C 289 -0.62 23.70 4.26
C LEU C 289 0.33 22.52 4.14
N GLN C 290 1.28 22.56 3.22
CA GLN C 290 2.28 21.49 3.09
C GLN C 290 3.45 21.64 4.07
N GLY C 291 3.53 22.73 4.82
CA GLY C 291 4.65 22.92 5.72
C GLY C 291 5.92 23.37 5.02
N ASP C 293 7.43 26.36 4.85
CA ASP C 293 8.33 27.20 5.64
C ASP C 293 9.33 26.34 6.41
N GLU C 294 8.83 25.35 7.15
CA GLU C 294 9.72 24.47 7.90
C GLU C 294 10.59 23.64 6.96
N PHE C 295 10.02 23.19 5.85
CA PHE C 295 10.79 22.35 4.92
C PHE C 295 11.98 23.13 4.37
N GLN C 296 11.77 24.41 4.04
CA GLN C 296 12.85 25.25 3.51
C GLN C 296 13.87 25.56 4.58
N GLU C 297 13.43 25.80 5.81
CA GLU C 297 14.38 26.03 6.91
C GLU C 297 15.28 24.81 7.09
N ASN C 298 14.69 23.61 7.02
CA ASN C 298 15.49 22.41 7.21
C ASN C 298 16.40 22.14 6.03
N GLU C 299 15.99 22.55 4.83
CA GLU C 299 16.89 22.48 3.70
C GLU C 299 18.11 23.36 3.93
N LYS C 300 17.90 24.59 4.44
CA LYS C 300 19.01 25.48 4.72
C LYS C 300 19.92 24.90 5.79
N ARG C 301 19.35 24.24 6.80
CA ARG C 301 20.14 23.79 7.93
C ARG C 301 20.99 22.57 7.60
N PHE C 302 20.48 21.69 6.73
CA PHE C 302 21.02 20.33 6.63
C PHE C 302 21.40 19.88 5.23
N VAL C 303 20.92 20.51 4.17
CA VAL C 303 21.25 20.06 2.82
C VAL C 303 22.50 20.83 2.40
N ARG C 304 23.61 20.10 2.25
CA ARG C 304 24.93 20.69 2.06
C ARG C 304 25.63 20.08 0.87
N GLY C 305 26.51 20.86 0.25
CA GLY C 305 27.42 20.35 -0.76
C GLY C 305 28.73 19.91 -0.14
N HIS D 18 -7.07 1.39 -22.61
CA HIS D 18 -7.33 2.16 -23.82
C HIS D 18 -6.63 3.53 -23.79
N GLY D 19 -6.09 3.89 -22.62
CA GLY D 19 -5.67 5.27 -22.40
C GLY D 19 -4.63 5.77 -23.39
N ALA D 20 -3.55 4.99 -23.58
CA ALA D 20 -2.49 5.44 -24.49
C ALA D 20 -3.01 5.61 -25.92
N ALA D 21 -3.86 4.68 -26.40
CA ALA D 21 -4.43 4.84 -27.72
C ALA D 21 -5.28 6.11 -27.81
N GLN D 22 -6.06 6.39 -26.76
CA GLN D 22 -6.91 7.58 -26.76
C GLN D 22 -6.09 8.85 -26.82
N LEU D 23 -4.99 8.89 -26.05
CA LEU D 23 -4.16 10.08 -26.03
C LEU D 23 -3.47 10.28 -27.37
N ARG D 24 -3.04 9.20 -28.02
CA ARG D 24 -2.48 9.33 -29.35
C ARG D 24 -3.50 9.89 -30.31
N ALA D 25 -4.75 9.42 -30.20
CA ALA D 25 -5.78 9.93 -31.10
C ALA D 25 -6.00 11.41 -30.89
N LEU D 26 -5.96 11.87 -29.63
CA LEU D 26 -6.08 13.29 -29.33
C LEU D 26 -4.94 14.08 -29.96
N PHE D 27 -3.71 13.55 -29.88
CA PHE D 27 -2.58 14.27 -30.46
C PHE D 27 -2.59 14.22 -31.97
N ASP D 28 -3.20 13.19 -32.56
CA ASP D 28 -3.23 13.03 -34.02
C ASP D 28 -4.38 13.78 -34.68
N ALA D 29 -5.41 14.14 -33.93
CA ALA D 29 -6.56 14.89 -34.43
C ALA D 29 -6.32 16.39 -34.30
N PRO D 30 -7.01 17.19 -35.11
CA PRO D 30 -6.93 18.64 -34.93
C PRO D 30 -7.47 19.06 -33.58
N GLY D 31 -7.05 20.24 -33.14
CA GLY D 31 -7.60 20.83 -31.94
C GLY D 31 -6.59 20.82 -30.79
N THR D 32 -6.87 21.68 -29.80
CA THR D 32 -6.02 21.79 -28.61
C THR D 32 -6.56 20.87 -27.52
N VAL D 33 -5.69 20.00 -27.00
CA VAL D 33 -6.03 19.06 -25.93
C VAL D 33 -5.99 19.81 -24.60
N ARG D 34 -7.01 19.61 -23.76
CA ARG D 34 -7.04 20.23 -22.43
C ARG D 34 -7.22 19.16 -21.37
N ILE D 35 -6.34 19.15 -20.37
CA ILE D 35 -6.45 18.19 -19.27
C ILE D 35 -6.44 18.95 -17.96
N ALA D 36 -6.99 18.32 -16.92
CA ALA D 36 -7.12 18.93 -15.60
C ALA D 36 -6.47 18.08 -14.53
N GLY D 37 -5.86 18.74 -13.55
CA GLY D 37 -5.27 18.02 -12.44
C GLY D 37 -6.31 17.39 -11.51
N ALA D 38 -5.96 16.23 -10.98
CA ALA D 38 -6.78 15.57 -9.96
C ALA D 38 -5.86 14.73 -9.07
N HIS D 39 -6.33 14.43 -7.85
CA HIS D 39 -5.51 13.68 -6.90
C HIS D 39 -6.24 12.45 -6.33
N ASN D 40 -7.40 12.11 -6.85
CA ASN D 40 -8.06 10.84 -6.50
C ASN D 40 -9.08 10.51 -7.58
N PRO D 41 -9.62 9.28 -7.58
CA PRO D 41 -10.62 8.91 -8.60
C PRO D 41 -11.82 9.84 -8.69
N LEU D 42 -12.32 10.34 -7.56
CA LEU D 42 -13.45 11.26 -7.61
C LEU D 42 -13.13 12.50 -8.43
N GLY D 43 -11.97 13.11 -8.19
CA GLY D 43 -11.60 14.31 -8.93
C GLY D 43 -11.44 14.03 -10.41
N ALA D 44 -10.84 12.87 -10.75
CA ALA D 44 -10.77 12.48 -12.16
C ALA D 44 -12.17 12.36 -12.77
N ARG D 45 -13.10 11.75 -12.03
CA ARG D 45 -14.45 11.59 -12.56
C ARG D 45 -15.13 12.93 -12.77
N LEU D 46 -14.90 13.88 -11.86
CA LEU D 46 -15.50 15.21 -12.04
C LEU D 46 -14.91 15.91 -13.27
N ALA D 47 -13.60 15.76 -13.50
CA ALA D 47 -12.97 16.34 -14.69
C ALA D 47 -13.54 15.71 -15.95
N GLU D 48 -13.71 14.39 -15.95
CA GLU D 48 -14.31 13.71 -17.09
C GLU D 48 -15.73 14.21 -17.36
N ARG D 49 -16.55 14.29 -16.30
CA ARG D 49 -17.93 14.74 -16.49
C ARG D 49 -18.01 16.19 -16.98
N ALA D 50 -17.06 17.03 -16.56
CA ALA D 50 -17.07 18.43 -16.99
C ALA D 50 -16.73 18.56 -18.46
N GLY D 51 -15.96 17.61 -19.00
CA GLY D 51 -15.65 17.62 -20.42
C GLY D 51 -14.17 17.77 -20.73
N PHE D 52 -13.28 17.58 -19.74
CA PHE D 52 -11.85 17.59 -20.04
C PHE D 52 -11.48 16.38 -20.88
N ASP D 53 -10.42 16.54 -21.69
CA ASP D 53 -9.96 15.47 -22.57
C ASP D 53 -9.18 14.40 -21.83
N GLY D 54 -8.67 14.72 -20.64
CA GLY D 54 -7.86 13.79 -19.89
C GLY D 54 -7.52 14.38 -18.55
N ILE D 55 -6.72 13.62 -17.78
CA ILE D 55 -6.40 13.93 -16.40
C ILE D 55 -4.91 14.14 -16.29
N TRP D 56 -4.51 15.15 -15.51
CA TRP D 56 -3.11 15.34 -15.10
C TRP D 56 -2.94 14.83 -13.67
N SER D 57 -2.12 13.79 -13.49
CA SER D 57 -1.98 13.22 -12.15
C SER D 57 -0.91 14.05 -11.44
N SER D 58 -1.36 15.08 -10.75
CA SER D 58 -0.51 16.21 -10.35
C SER D 58 0.32 15.88 -9.12
N GLY D 59 1.64 16.09 -9.20
CA GLY D 59 2.47 15.86 -8.02
C GLY D 59 2.14 16.86 -6.92
N LEU D 60 1.88 18.12 -7.29
CA LEU D 60 1.47 19.11 -6.29
C LEU D 60 0.14 18.73 -5.63
N GLU D 61 -0.88 18.37 -6.42
CA GLU D 61 -2.17 18.08 -5.78
C GLU D 61 -2.06 16.84 -4.90
N ILE D 62 -1.35 15.81 -5.36
CA ILE D 62 -1.32 14.58 -4.58
C ILE D 62 -0.52 14.78 -3.30
N SER D 63 0.65 15.40 -3.40
CA SER D 63 1.46 15.70 -2.21
CA SER D 63 1.43 15.65 -2.18
C SER D 63 0.67 16.55 -1.23
N ALA D 64 0.05 17.62 -1.73
CA ALA D 64 -0.77 18.49 -0.88
C ALA D 64 -1.90 17.72 -0.21
N SER D 65 -2.54 16.81 -0.96
CA SER D 65 -3.64 16.05 -0.35
C SER D 65 -3.15 15.22 0.83
N GLN D 66 -1.86 14.85 0.83
CA GLN D 66 -1.26 14.09 1.91
C GLN D 66 -0.59 14.98 2.94
N GLY D 67 -0.75 16.30 2.83
CA GLY D 67 -0.20 17.25 3.78
C GLY D 67 1.30 17.42 3.70
N LEU D 68 1.92 17.08 2.57
CA LEU D 68 3.37 16.98 2.47
C LEU D 68 3.90 17.84 1.33
N PRO D 69 5.17 18.26 1.42
CA PRO D 69 5.81 18.96 0.31
C PRO D 69 5.80 18.19 -1.00
N ASP D 70 5.71 18.95 -2.10
CA ASP D 70 5.86 18.43 -3.47
C ASP D 70 7.34 18.45 -3.81
N ALA D 71 8.07 17.45 -3.29
CA ALA D 71 9.53 17.45 -3.32
C ALA D 71 10.07 16.03 -3.32
N ASP D 72 9.41 15.12 -4.07
CA ASP D 72 9.76 13.69 -4.02
C ASP D 72 9.82 13.18 -2.58
N ILE D 73 8.93 13.70 -1.74
CA ILE D 73 8.75 13.14 -0.41
C ILE D 73 7.82 11.94 -0.49
N LEU D 74 6.67 12.10 -1.16
CA LEU D 74 5.92 10.93 -1.61
C LEU D 74 6.77 10.13 -2.59
N THR D 75 6.62 8.79 -2.55
CA THR D 75 7.42 7.92 -3.41
C THR D 75 6.64 7.52 -4.66
N THR D 77 5.61 4.70 -5.40
CA THR D 77 4.52 3.80 -5.04
C THR D 77 3.25 4.58 -4.74
N GLU D 78 3.39 5.65 -3.96
CA GLU D 78 2.25 6.47 -3.56
C GLU D 78 1.68 7.22 -4.76
N LEU D 79 2.56 7.78 -5.60
CA LEU D 79 2.09 8.55 -6.74
C LEU D 79 1.44 7.65 -7.79
N LEU D 80 2.03 6.47 -8.03
CA LEU D 80 1.46 5.53 -8.98
C LEU D 80 0.13 4.98 -8.46
N GLY D 81 0.01 4.80 -7.14
CA GLY D 81 -1.25 4.30 -6.60
C GLY D 81 -2.41 5.21 -6.97
N VAL D 82 -2.18 6.52 -6.90
CA VAL D 82 -3.22 7.46 -7.30
C VAL D 82 -3.41 7.45 -8.81
N ALA D 83 -2.32 7.55 -9.57
CA ALA D 83 -2.47 7.61 -11.03
C ALA D 83 -3.18 6.38 -11.56
N GLY D 84 -2.81 5.19 -11.06
CA GLY D 84 -3.44 3.97 -11.54
C GLY D 84 -4.91 3.88 -11.15
N SER D 85 -5.25 4.30 -9.93
CA SER D 85 -6.66 4.26 -9.53
C SER D 85 -7.51 5.23 -10.35
N ALA D 87 -6.76 6.09 -13.52
CA ALA D 87 -6.79 5.52 -14.86
C ALA D 87 -7.89 4.47 -15.01
N SER D 88 -8.09 3.65 -13.98
CA SER D 88 -9.14 2.66 -14.09
C SER D 88 -10.52 3.22 -13.74
N ALA D 89 -10.60 4.40 -13.15
CA ALA D 89 -11.90 4.99 -12.78
C ALA D 89 -12.57 5.78 -13.90
N VAL D 90 -11.82 6.28 -14.88
CA VAL D 90 -12.41 7.13 -15.92
C VAL D 90 -12.10 6.58 -17.29
N GLY D 91 -12.85 7.04 -18.29
CA GLY D 91 -12.65 6.62 -19.67
C GLY D 91 -11.96 7.67 -20.52
N VAL D 92 -11.14 8.51 -19.90
CA VAL D 92 -10.26 9.43 -20.61
C VAL D 92 -8.83 9.14 -20.17
N PRO D 93 -7.84 9.51 -20.98
CA PRO D 93 -6.45 9.16 -20.64
C PRO D 93 -5.91 9.93 -19.43
N VAL D 94 -5.06 9.27 -18.67
CA VAL D 94 -4.34 9.88 -17.54
C VAL D 94 -2.90 10.17 -17.97
N VAL D 95 -2.48 11.41 -17.83
CA VAL D 95 -1.09 11.84 -18.05
C VAL D 95 -0.49 12.02 -16.67
N ALA D 96 0.58 11.30 -16.36
CA ALA D 96 1.14 11.31 -15.01
C ALA D 96 2.31 12.30 -14.89
N ASP D 97 2.34 13.03 -13.78
CA ASP D 97 3.47 13.86 -13.37
C ASP D 97 4.44 12.93 -12.63
N CYS D 98 5.59 12.60 -13.23
CA CYS D 98 6.50 11.65 -12.60
C CYS D 98 7.80 12.29 -12.13
N ASP D 99 7.75 13.57 -11.79
CA ASP D 99 8.87 14.26 -11.14
C ASP D 99 10.09 14.09 -12.03
N THR D 100 11.23 13.62 -11.50
CA THR D 100 12.44 13.43 -12.30
C THR D 100 12.59 11.99 -12.76
N GLY D 101 11.60 11.14 -12.50
CA GLY D 101 11.70 9.74 -12.87
C GLY D 101 12.16 8.84 -11.74
N TYR D 102 12.31 9.40 -10.53
CA TYR D 102 12.46 8.66 -9.28
C TYR D 102 13.86 8.02 -9.16
N GLY D 103 14.86 8.60 -9.83
CA GLY D 103 16.23 8.14 -9.67
C GLY D 103 16.92 8.17 -11.02
N ASN D 104 17.73 7.18 -11.34
CA ASN D 104 18.48 7.24 -12.59
C ASN D 104 17.73 6.49 -13.69
N ALA D 105 18.40 6.27 -14.83
CA ALA D 105 17.70 5.65 -15.95
C ALA D 105 17.14 4.27 -15.60
N ASN D 106 17.78 3.53 -14.69
CA ASN D 106 17.17 2.25 -14.32
C ASN D 106 15.90 2.44 -13.49
N ASN D 107 15.84 3.47 -12.62
CA ASN D 107 14.58 3.74 -11.95
C ASN D 107 13.51 4.13 -12.96
N VAL D 108 13.91 4.88 -14.00
CA VAL D 108 12.96 5.31 -15.03
C VAL D 108 12.37 4.11 -15.74
N HIS D 110 11.93 1.03 -14.57
CA HIS D 110 11.01 0.38 -13.65
C HIS D 110 9.71 1.18 -13.56
N VAL D 112 8.42 3.16 -15.94
CA VAL D 112 7.65 2.97 -17.17
C VAL D 112 6.92 1.63 -17.14
N ARG D 113 7.62 0.57 -16.74
CA ARG D 113 6.98 -0.74 -16.75
C ARG D 113 5.76 -0.73 -15.85
N ARG D 114 5.87 -0.10 -14.67
CA ARG D 114 4.76 -0.14 -13.73
C ARG D 114 3.63 0.80 -14.14
N TYR D 115 3.98 1.99 -14.64
CA TYR D 115 2.96 2.95 -15.06
C TYR D 115 2.21 2.45 -16.29
N GLU D 116 2.94 1.86 -17.24
CA GLU D 116 2.27 1.36 -18.43
C GLU D 116 1.34 0.21 -18.07
N ALA D 117 1.77 -0.68 -17.18
CA ALA D 117 0.92 -1.81 -16.78
C ALA D 117 -0.34 -1.35 -16.07
N ALA D 118 -0.27 -0.20 -15.38
CA ALA D 118 -1.42 0.37 -14.70
C ALA D 118 -2.34 1.15 -15.62
N GLY D 119 -2.05 1.22 -16.93
CA GLY D 119 -2.93 1.85 -17.89
C GLY D 119 -2.77 3.34 -18.03
N ILE D 120 -1.70 3.90 -17.44
CA ILE D 120 -1.44 5.33 -17.62
C ILE D 120 -1.06 5.57 -19.08
N ALA D 121 -1.54 6.68 -19.65
CA ALA D 121 -1.34 6.94 -21.08
C ALA D 121 -0.01 7.59 -21.38
N ALA D 122 0.52 8.41 -20.47
CA ALA D 122 1.76 9.12 -20.72
C ALA D 122 2.40 9.39 -19.38
N VAL D 123 3.73 9.44 -19.35
CA VAL D 123 4.46 9.85 -18.16
C VAL D 123 5.31 11.05 -18.52
N THR D 124 5.48 11.94 -17.54
CA THR D 124 6.21 13.19 -17.76
C THR D 124 7.37 13.17 -16.77
N ILE D 125 8.59 13.28 -17.29
CA ILE D 125 9.77 13.42 -16.43
C ILE D 125 10.48 14.71 -16.79
N GLU D 126 11.07 15.33 -15.76
CA GLU D 126 11.70 16.65 -15.95
C GLU D 126 13.21 16.58 -15.77
N ASP D 127 13.89 17.55 -16.40
CA ASP D 127 15.36 17.56 -16.47
C ASP D 127 16.01 18.18 -15.23
N LYS D 128 15.58 17.71 -14.05
CA LYS D 128 16.24 18.07 -12.81
C LYS D 128 16.77 16.81 -12.15
N ARG D 129 17.49 16.98 -11.05
CA ARG D 129 18.05 15.84 -10.31
C ARG D 129 17.17 15.46 -9.12
N PHE D 130 17.25 14.21 -8.75
CA PHE D 130 16.46 13.70 -7.61
C PHE D 130 17.07 14.16 -6.29
N PRO D 131 16.26 14.60 -5.31
CA PRO D 131 14.80 14.81 -5.34
C PRO D 131 14.43 16.17 -5.97
N LYS D 132 13.29 16.24 -6.65
CA LYS D 132 12.87 17.51 -7.25
C LYS D 132 12.47 18.55 -6.18
N VAL D 133 12.45 19.82 -6.59
CA VAL D 133 11.72 20.88 -5.89
C VAL D 133 10.63 21.41 -6.82
N ASN D 134 9.40 21.57 -6.28
CA ASN D 134 8.30 22.20 -7.00
C ASN D 134 8.85 23.43 -7.75
N SER D 135 8.43 23.58 -9.01
CA SER D 135 8.96 24.67 -9.84
C SER D 135 8.85 26.04 -9.19
N PHE D 136 7.99 26.18 -8.18
CA PHE D 136 7.75 27.50 -7.61
C PHE D 136 8.67 27.83 -6.43
N ILE D 137 9.72 27.03 -6.20
CA ILE D 137 10.84 27.33 -5.29
C ILE D 137 11.72 28.44 -5.87
N PRO D 138 12.12 29.44 -5.10
CA PRO D 138 12.91 30.55 -5.66
C PRO D 138 14.40 30.23 -5.85
N GLY D 139 15.03 31.07 -6.69
CA GLY D 139 16.47 31.02 -6.93
C GLY D 139 16.86 30.11 -8.09
N ARG D 140 18.12 30.25 -8.53
CA ARG D 140 18.69 29.34 -9.53
C ARG D 140 18.56 27.90 -9.05
N GLN D 141 18.07 27.03 -9.93
CA GLN D 141 17.86 25.63 -9.58
C GLN D 141 18.75 24.75 -10.44
N GLU D 142 19.00 23.54 -9.94
CA GLU D 142 19.95 22.65 -10.58
C GLU D 142 19.27 21.83 -11.65
N LEU D 143 19.79 21.87 -12.87
CA LEU D 143 19.31 21.01 -13.94
C LEU D 143 20.19 19.79 -14.07
N ALA D 144 19.58 18.69 -14.55
CA ALA D 144 20.33 17.52 -14.96
C ALA D 144 21.16 17.85 -16.20
N SER D 145 22.29 17.16 -16.37
CA SER D 145 23.02 17.34 -17.62
C SER D 145 22.20 16.81 -18.80
N VAL D 146 22.45 17.37 -19.98
CA VAL D 146 21.75 16.90 -21.17
C VAL D 146 22.03 15.42 -21.44
N PRO D 147 23.28 14.93 -21.41
CA PRO D 147 23.47 13.48 -21.63
C PRO D 147 22.76 12.62 -20.63
N GLU D 148 22.80 12.99 -19.34
CA GLU D 148 22.15 12.16 -18.34
C GLU D 148 20.65 12.12 -18.57
N PHE D 149 20.05 13.26 -18.86
CA PHE D 149 18.60 13.27 -19.04
C PHE D 149 18.21 12.59 -20.34
N CYS D 150 18.99 12.74 -21.40
CA CYS D 150 18.71 12.01 -22.64
C CYS D 150 18.78 10.50 -22.39
N GLY D 151 19.69 10.08 -21.53
CA GLY D 151 19.73 8.66 -21.17
C GLY D 151 18.46 8.18 -20.47
N ARG D 152 17.90 9.01 -19.57
CA ARG D 152 16.60 8.66 -18.98
C ARG D 152 15.50 8.51 -20.03
N ILE D 153 15.44 9.45 -20.97
CA ILE D 153 14.41 9.39 -22.02
C ILE D 153 14.59 8.15 -22.89
N GLU D 154 15.83 7.89 -23.31
CA GLU D 154 16.12 6.69 -24.11
C GLU D 154 15.71 5.42 -23.36
N ALA D 155 16.04 5.36 -22.07
CA ALA D 155 15.67 4.21 -21.25
C ALA D 155 14.15 4.05 -21.17
N ALA D 156 13.43 5.16 -20.95
CA ALA D 156 11.96 5.11 -20.89
C ALA D 156 11.39 4.53 -22.17
N LYS D 157 11.90 4.99 -23.32
CA LYS D 157 11.36 4.51 -24.61
C LYS D 157 11.71 3.06 -24.83
N ASP D 158 12.87 2.62 -24.33
CA ASP D 158 13.27 1.23 -24.48
C ASP D 158 12.43 0.32 -23.59
N ALA D 159 11.98 0.82 -22.44
CA ALA D 159 11.24 0.02 -21.48
C ALA D 159 9.77 -0.13 -21.85
N GLN D 160 9.19 0.80 -22.60
CA GLN D 160 7.77 0.65 -22.87
C GLN D 160 7.51 -0.49 -23.84
N ARG D 161 6.31 -1.03 -23.78
CA ARG D 161 5.90 -2.14 -24.63
C ARG D 161 4.96 -1.74 -25.75
N ASP D 162 3.97 -0.93 -25.46
CA ASP D 162 3.01 -0.51 -26.49
C ASP D 162 3.52 0.79 -27.08
N PRO D 163 3.72 0.89 -28.40
CA PRO D 163 4.23 2.15 -28.97
C PRO D 163 3.32 3.34 -28.72
N ASP D 164 2.04 3.13 -28.42
CA ASP D 164 1.14 4.27 -28.16
C ASP D 164 1.50 5.01 -26.87
N PHE D 165 2.09 4.34 -25.89
CA PHE D 165 2.47 5.00 -24.64
C PHE D 165 3.41 6.17 -24.92
N VAL D 167 6.10 9.33 -23.69
CA VAL D 167 7.05 9.88 -22.71
C VAL D 167 7.20 11.36 -23.04
N ILE D 168 6.86 12.21 -22.08
CA ILE D 168 6.89 13.66 -22.25
C ILE D 168 8.11 14.19 -21.49
N ALA D 169 9.00 14.89 -22.20
CA ALA D 169 10.19 15.45 -21.56
C ALA D 169 9.89 16.86 -21.12
N ARG D 170 9.94 17.10 -19.81
CA ARG D 170 9.62 18.41 -19.24
C ARG D 170 10.90 19.22 -19.05
N ILE D 171 10.89 20.45 -19.58
CA ILE D 171 12.06 21.33 -19.64
C ILE D 171 11.89 22.34 -18.52
N GLU D 172 12.75 22.27 -17.50
CA GLU D 172 12.74 23.19 -16.37
C GLU D 172 13.77 24.32 -16.49
N ALA D 173 14.39 24.49 -17.67
CA ALA D 173 15.46 25.47 -17.81
C ALA D 173 15.01 26.89 -17.49
N LEU D 174 13.80 27.29 -17.92
CA LEU D 174 13.36 28.64 -17.58
C LEU D 174 13.09 28.76 -16.09
N ILE D 175 12.47 27.72 -15.52
CA ILE D 175 12.19 27.70 -14.09
C ILE D 175 13.48 27.89 -13.31
N ALA D 176 14.54 27.26 -13.78
CA ALA D 176 15.83 27.26 -13.11
C ALA D 176 16.64 28.52 -13.37
N GLY D 177 16.12 29.48 -14.15
CA GLY D 177 16.77 30.76 -14.33
C GLY D 177 17.64 30.91 -15.57
N TRP D 178 17.53 29.99 -16.53
CA TRP D 178 18.23 30.08 -17.80
C TRP D 178 17.36 30.76 -18.85
N ASP D 179 17.97 31.04 -20.00
CA ASP D 179 17.29 31.80 -21.05
C ASP D 179 16.59 30.85 -22.02
N LEU D 180 15.88 31.44 -22.98
CA LEU D 180 15.11 30.65 -23.92
C LEU D 180 16.01 29.78 -24.78
N ASP D 181 17.20 30.29 -25.15
CA ASP D 181 18.10 29.50 -25.96
C ASP D 181 18.44 28.19 -25.26
N GLU D 182 18.62 28.24 -23.94
CA GLU D 182 18.93 27.02 -23.20
C GLU D 182 17.73 26.07 -23.16
N ALA D 183 16.52 26.63 -22.96
CA ALA D 183 15.33 25.79 -22.96
C ALA D 183 15.13 25.12 -24.32
N LEU D 184 15.34 25.87 -25.41
CA LEU D 184 15.15 25.31 -26.74
C LEU D 184 16.18 24.22 -27.04
N ARG D 185 17.46 24.48 -26.77
CA ARG D 185 18.45 23.48 -27.10
C ARG D 185 18.24 22.22 -26.29
N ARG D 186 17.79 22.35 -25.03
CA ARG D 186 17.46 21.15 -24.26
C ARG D 186 16.30 20.39 -24.87
N GLY D 187 15.20 21.08 -25.15
CA GLY D 187 14.06 20.44 -25.81
C GLY D 187 14.47 19.71 -27.07
N GLU D 188 15.32 20.35 -27.89
CA GLU D 188 15.73 19.75 -29.16
C GLU D 188 16.51 18.46 -28.94
N ALA D 189 17.40 18.43 -27.94
CA ALA D 189 18.09 17.19 -27.61
C ALA D 189 17.12 16.11 -27.11
N TYR D 190 16.14 16.49 -26.29
CA TYR D 190 15.24 15.49 -25.71
C TYR D 190 14.38 14.86 -26.79
N ALA D 191 13.96 15.68 -27.75
CA ALA D 191 13.21 15.16 -28.90
C ALA D 191 14.05 14.15 -29.69
N ALA D 192 15.32 14.45 -29.95
CA ALA D 192 16.15 13.52 -30.71
C ALA D 192 16.38 12.23 -29.93
N ALA D 193 16.34 12.32 -28.58
CA ALA D 193 16.52 11.13 -27.75
C ALA D 193 15.27 10.24 -27.74
N GLY D 194 14.16 10.72 -28.29
CA GLY D 194 12.96 9.92 -28.41
C GLY D 194 11.76 10.43 -27.64
N ALA D 195 11.81 11.59 -26.99
CA ALA D 195 10.62 12.06 -26.29
C ALA D 195 9.50 12.26 -27.30
N ASP D 196 8.29 11.85 -26.91
CA ASP D 196 7.14 12.00 -27.82
C ASP D 196 6.61 13.43 -27.84
N ALA D 197 6.82 14.17 -26.77
CA ALA D 197 6.42 15.58 -26.69
C ALA D 197 7.37 16.23 -25.71
N VAL D 198 7.44 17.55 -25.76
CA VAL D 198 8.16 18.29 -24.73
C VAL D 198 7.19 19.19 -24.01
N LEU D 199 7.45 19.42 -22.73
CA LEU D 199 6.64 20.35 -21.95
C LEU D 199 7.55 21.52 -21.58
N ILE D 200 7.19 22.74 -21.98
CA ILE D 200 8.00 23.90 -21.63
C ILE D 200 7.36 24.54 -20.40
N HIS D 201 8.07 24.57 -19.29
CA HIS D 201 7.46 25.19 -18.12
C HIS D 201 8.01 26.60 -17.89
N ALA D 202 7.19 27.42 -17.24
CA ALA D 202 7.58 28.81 -16.96
C ALA D 202 6.78 29.29 -15.77
N LYS D 203 7.32 30.28 -15.05
CA LYS D 203 6.58 30.79 -13.89
C LYS D 203 6.45 32.32 -13.91
N SER D 204 6.59 32.93 -15.08
CA SER D 204 6.29 34.36 -15.23
C SER D 204 4.79 34.59 -15.28
N GLY D 205 4.36 35.78 -14.85
CA GLY D 205 2.98 36.18 -15.10
C GLY D 205 2.72 36.38 -16.56
N SER D 206 3.74 36.82 -17.31
CA SER D 206 3.54 37.04 -18.72
C SER D 206 3.60 35.72 -19.48
N PRO D 207 2.69 35.50 -20.44
CA PRO D 207 2.82 34.33 -21.32
C PRO D 207 3.89 34.48 -22.39
N GLN D 208 4.50 35.66 -22.52
CA GLN D 208 5.38 35.87 -23.68
C GLN D 208 6.57 34.90 -23.75
N PRO D 209 7.23 34.54 -22.65
CA PRO D 209 8.32 33.56 -22.78
C PRO D 209 7.84 32.26 -23.40
N VAL D 210 6.65 31.80 -23.04
CA VAL D 210 6.16 30.55 -23.60
C VAL D 210 5.76 30.75 -25.06
N LEU D 211 5.13 31.88 -25.39
CA LEU D 211 4.84 32.17 -26.79
C LEU D 211 6.12 32.22 -27.62
N ASP D 212 7.19 32.78 -27.05
CA ASP D 212 8.44 32.89 -27.80
C ASP D 212 9.08 31.52 -28.00
N PHE D 213 9.02 30.66 -26.98
CA PHE D 213 9.44 29.26 -27.15
C PHE D 213 8.66 28.61 -28.29
N LEU D 214 7.32 28.72 -28.27
CA LEU D 214 6.52 28.11 -29.34
C LEU D 214 6.90 28.66 -30.71
N GLN D 215 7.20 29.96 -30.82
CA GLN D 215 7.53 30.53 -32.12
C GLN D 215 8.86 29.96 -32.63
N ARG D 216 9.79 29.74 -31.72
CA ARG D 216 11.13 29.31 -32.05
C ARG D 216 11.29 27.80 -32.13
N TRP D 217 10.26 27.04 -31.79
CA TRP D 217 10.30 25.58 -31.84
C TRP D 217 9.84 25.13 -33.23
N HIS D 218 10.76 24.59 -34.01
CA HIS D 218 10.47 24.20 -35.39
C HIS D 218 10.44 22.69 -35.57
N LEU D 219 10.50 21.95 -34.49
CA LEU D 219 10.56 20.50 -34.60
C LEU D 219 9.15 19.92 -34.63
N PRO D 220 9.01 18.71 -35.17
CA PRO D 220 7.66 18.14 -35.31
C PRO D 220 7.06 17.63 -34.01
N GLN D 221 7.87 17.38 -32.98
CA GLN D 221 7.32 16.89 -31.73
C GLN D 221 6.39 17.94 -31.11
N PRO D 222 5.23 17.54 -30.60
CA PRO D 222 4.30 18.53 -30.04
C PRO D 222 4.77 19.08 -28.70
N VAL D 223 4.17 20.22 -28.33
CA VAL D 223 4.57 20.96 -27.13
C VAL D 223 3.38 21.02 -26.16
N VAL D 224 3.69 20.77 -24.89
CA VAL D 224 2.71 20.81 -23.81
C VAL D 224 3.01 22.05 -22.97
N VAL D 225 1.97 22.74 -22.50
CA VAL D 225 2.17 23.92 -21.67
C VAL D 225 1.27 23.84 -20.42
N VAL D 226 1.68 24.55 -19.36
CA VAL D 226 1.02 24.51 -18.05
C VAL D 226 0.87 25.96 -17.57
N PRO D 227 -0.22 26.65 -17.92
CA PRO D 227 -0.33 28.10 -17.70
C PRO D 227 -0.77 28.50 -16.29
N THR D 228 -0.14 27.90 -15.29
CA THR D 228 -0.50 28.22 -13.90
C THR D 228 -0.27 29.70 -13.58
N THR D 229 0.94 30.23 -13.86
CA THR D 229 1.25 31.61 -13.51
C THR D 229 0.85 32.59 -14.60
N TYR D 230 0.96 32.18 -15.85
CA TYR D 230 0.60 33.06 -16.96
C TYR D 230 -0.83 32.77 -17.42
N HIS D 231 -1.76 32.83 -16.44
CA HIS D 231 -3.10 32.29 -16.63
C HIS D 231 -3.98 33.11 -17.56
N THR D 232 -3.58 34.34 -17.93
CA THR D 232 -4.46 35.19 -18.72
C THR D 232 -4.56 34.77 -20.19
N ILE D 233 -3.65 33.91 -20.68
CA ILE D 233 -3.74 33.48 -22.07
C ILE D 233 -4.71 32.32 -22.21
N SER D 234 -5.49 32.31 -23.28
CA SER D 234 -6.49 31.27 -23.41
C SER D 234 -5.89 30.03 -24.05
N ALA D 235 -6.59 28.91 -23.88
CA ALA D 235 -6.16 27.67 -24.52
C ALA D 235 -6.14 27.85 -26.03
N ALA D 236 -7.14 28.56 -26.58
CA ALA D 236 -7.17 28.76 -28.03
C ALA D 236 -5.96 29.54 -28.50
N GLU D 237 -5.55 30.57 -27.73
CA GLU D 237 -4.38 31.37 -28.11
C GLU D 237 -3.10 30.55 -28.00
N LEU D 238 -2.97 29.72 -26.96
CA LEU D 238 -1.82 28.82 -26.84
C LEU D 238 -1.79 27.83 -28.00
N GLY D 239 -2.97 27.30 -28.37
CA GLY D 239 -3.01 26.36 -29.47
C GLY D 239 -2.64 27.01 -30.79
N ALA D 240 -3.13 28.23 -31.02
CA ALA D 240 -2.79 28.95 -32.25
C ALA D 240 -1.30 29.27 -32.31
N ALA D 241 -0.66 29.49 -31.16
CA ALA D 241 0.77 29.76 -31.11
C ALA D 241 1.61 28.50 -31.30
N GLY D 242 1.00 27.32 -31.19
CA GLY D 242 1.71 26.08 -31.49
C GLY D 242 1.75 25.05 -30.38
N ALA D 243 1.02 25.29 -29.29
CA ALA D 243 0.95 24.28 -28.23
C ALA D 243 -0.16 23.28 -28.55
N LYS D 244 0.11 22.00 -28.30
CA LYS D 244 -0.88 20.97 -28.59
C LYS D 244 -1.70 20.58 -27.38
N VAL D 246 -2.76 21.70 -23.23
CA VAL D 246 -2.76 22.71 -22.16
C VAL D 246 -3.19 22.01 -20.88
N VAL D 247 -2.42 22.19 -19.80
CA VAL D 247 -2.63 21.48 -18.54
C VAL D 247 -3.08 22.50 -17.49
N TYR D 248 -4.24 22.27 -16.89
CA TYR D 248 -4.73 23.09 -15.79
C TYR D 248 -4.44 22.27 -14.54
N ALA D 249 -3.30 22.52 -13.89
CA ALA D 249 -2.66 21.49 -13.07
C ALA D 249 -3.19 21.38 -11.64
N ASN D 250 -3.66 22.49 -11.05
N ASN D 250 -3.62 22.51 -11.05
CA ASN D 250 -3.97 22.45 -9.62
CA ASN D 250 -3.88 22.59 -9.61
C ASN D 250 -5.17 23.30 -9.26
C ASN D 250 -5.22 23.21 -9.25
N HIS D 251 -6.04 23.61 -10.23
CA HIS D 251 -7.16 24.48 -9.92
C HIS D 251 -8.23 23.75 -9.13
N GLY D 252 -8.39 22.44 -9.36
CA GLY D 252 -9.37 21.69 -8.57
C GLY D 252 -9.00 21.66 -7.10
N LEU D 253 -7.74 21.35 -6.81
CA LEU D 253 -7.29 21.38 -5.42
C LEU D 253 -7.47 22.77 -4.81
N ARG D 254 -7.10 23.82 -5.55
CA ARG D 254 -7.19 25.16 -4.98
C ARG D 254 -8.64 25.57 -4.74
N ALA D 255 -9.56 25.18 -5.65
CA ALA D 255 -10.97 25.48 -5.43
C ALA D 255 -11.50 24.72 -4.24
N GLY D 256 -11.10 23.45 -4.13
CA GLY D 256 -11.56 22.60 -3.02
C GLY D 256 -11.10 23.14 -1.68
N ILE D 257 -9.84 23.56 -1.57
CA ILE D 257 -9.33 24.07 -0.30
C ILE D 257 -10.17 25.26 0.15
N GLN D 258 -10.44 26.17 -0.77
CA GLN D 258 -11.21 27.36 -0.41
C GLN D 258 -12.62 27.00 0.05
N ALA D 259 -13.27 26.09 -0.68
CA ALA D 259 -14.65 25.78 -0.35
C ALA D 259 -14.74 24.98 0.95
N VAL D 260 -13.82 24.04 1.15
CA VAL D 260 -13.87 23.23 2.36
C VAL D 260 -13.54 24.08 3.59
N SER D 261 -12.52 24.94 3.52
CA SER D 261 -12.23 25.80 4.67
CA SER D 261 -12.24 25.77 4.70
C SER D 261 -13.40 26.70 5.00
N GLN D 262 -14.02 27.29 3.98
CA GLN D 262 -15.17 28.16 4.25
C GLN D 262 -16.33 27.35 4.83
N THR D 263 -16.54 26.14 4.33
CA THR D 263 -17.61 25.29 4.84
C THR D 263 -17.37 24.96 6.31
N PHE D 264 -16.14 24.58 6.66
CA PHE D 264 -15.87 24.24 8.05
C PHE D 264 -16.02 25.47 8.95
N GLU D 265 -15.57 26.63 8.50
CA GLU D 265 -15.71 27.86 9.29
C GLU D 265 -17.17 28.18 9.54
N THR D 266 -18.01 28.03 8.51
CA THR D 266 -19.42 28.35 8.63
C THR D 266 -20.13 27.37 9.56
N ILE D 267 -19.78 26.08 9.48
CA ILE D 267 -20.43 25.10 10.36
C ILE D 267 -20.14 25.42 11.82
N LEU D 268 -18.86 25.74 12.12
CA LEU D 268 -18.53 26.05 13.52
C LEU D 268 -19.20 27.33 13.99
N LYS D 269 -19.25 28.35 13.13
CA LYS D 269 -19.84 29.63 13.54
C LYS D 269 -21.35 29.51 13.70
N ASP D 270 -22.01 28.87 12.75
CA ASP D 270 -23.47 28.81 12.77
C ASP D 270 -23.97 27.81 13.79
N GLY D 271 -23.17 26.81 14.15
CA GLY D 271 -23.64 25.74 15.01
C GLY D 271 -24.39 24.64 14.29
N ARG D 272 -24.52 24.69 12.97
CA ARG D 272 -25.31 23.71 12.22
C ARG D 272 -24.99 23.94 10.75
N THR D 273 -25.44 23.01 9.91
CA THR D 273 -25.12 23.06 8.48
C THR D 273 -26.24 23.63 7.64
N THR D 274 -27.37 24.01 8.25
CA THR D 274 -28.56 24.37 7.48
C THR D 274 -28.29 25.43 6.41
N ALA D 275 -27.49 26.45 6.74
CA ALA D 275 -27.27 27.55 5.81
C ALA D 275 -26.44 27.16 4.59
N ILE D 276 -25.73 26.02 4.63
CA ILE D 276 -24.94 25.58 3.47
C ILE D 276 -25.57 24.42 2.73
N GLU D 277 -26.69 23.88 3.22
CA GLU D 277 -27.27 22.67 2.62
C GLU D 277 -27.61 22.89 1.14
N ASP D 278 -28.09 24.08 0.79
CA ASP D 278 -28.48 24.36 -0.59
C ASP D 278 -27.31 24.80 -1.47
N HIS D 279 -26.08 24.74 -0.94
CA HIS D 279 -24.87 25.23 -1.59
C HIS D 279 -23.76 24.19 -1.62
N ILE D 280 -24.04 22.96 -1.20
CA ILE D 280 -23.10 21.86 -1.29
C ILE D 280 -23.81 20.73 -2.01
N ALA D 281 -23.03 19.77 -2.51
CA ALA D 281 -23.61 18.69 -3.29
C ALA D 281 -24.57 17.89 -2.42
N PRO D 282 -25.76 17.57 -2.91
CA PRO D 282 -26.64 16.68 -2.15
C PRO D 282 -26.05 15.28 -2.10
N LEU D 283 -26.49 14.51 -1.11
CA LEU D 283 -25.99 13.14 -1.00
C LEU D 283 -26.34 12.32 -2.24
N THR D 284 -27.47 12.60 -2.90
CA THR D 284 -27.80 11.86 -4.12
C THR D 284 -26.76 12.05 -5.21
N THR D 285 -26.12 13.23 -5.26
CA THR D 285 -25.04 13.43 -6.23
C THR D 285 -23.83 12.59 -5.87
N VAL D 286 -23.52 12.51 -4.58
CA VAL D 286 -22.42 11.66 -4.13
C VAL D 286 -22.71 10.21 -4.51
N PHE D 287 -23.92 9.74 -4.21
CA PHE D 287 -24.27 8.35 -4.57
C PHE D 287 -24.11 8.11 -6.07
N ASP D 288 -24.53 9.08 -6.91
CA ASP D 288 -24.39 8.91 -8.35
C ASP D 288 -22.93 8.79 -8.76
N LEU D 289 -22.07 9.63 -8.18
CA LEU D 289 -20.64 9.58 -8.45
C LEU D 289 -20.00 8.30 -7.96
N GLN D 290 -20.61 7.64 -6.96
CA GLN D 290 -20.12 6.35 -6.51
C GLN D 290 -20.58 5.20 -7.39
N GLY D 291 -21.48 5.42 -8.34
CA GLY D 291 -22.04 4.34 -9.12
C GLY D 291 -23.12 3.52 -8.41
N ASP D 293 -26.46 3.43 -8.60
CA ASP D 293 -27.54 2.86 -9.41
C ASP D 293 -27.15 1.48 -9.91
N GLU D 294 -25.96 1.36 -10.50
CA GLU D 294 -25.51 0.08 -11.02
C GLU D 294 -25.20 -0.89 -9.89
N PHE D 295 -24.64 -0.39 -8.78
CA PHE D 295 -24.39 -1.23 -7.61
C PHE D 295 -25.68 -1.85 -7.09
N GLN D 296 -26.74 -1.06 -6.99
CA GLN D 296 -28.03 -1.57 -6.51
C GLN D 296 -28.63 -2.57 -7.49
N GLU D 297 -28.55 -2.28 -8.78
CA GLU D 297 -29.05 -3.23 -9.77
C GLU D 297 -28.34 -4.58 -9.64
N ASN D 298 -27.03 -4.54 -9.41
CA ASN D 298 -26.28 -5.79 -9.31
C ASN D 298 -26.56 -6.48 -7.99
N GLU D 299 -26.83 -5.73 -6.92
CA GLU D 299 -27.38 -6.32 -5.71
C GLU D 299 -28.63 -7.14 -6.02
N LYS D 300 -29.59 -6.52 -6.71
CA LYS D 300 -30.84 -7.20 -7.04
C LYS D 300 -30.59 -8.43 -7.90
N ARG D 301 -29.62 -8.35 -8.82
CA ARG D 301 -29.35 -9.44 -9.75
C ARG D 301 -28.76 -10.66 -9.05
N PHE D 302 -27.77 -10.45 -8.18
CA PHE D 302 -26.88 -11.52 -7.78
C PHE D 302 -26.81 -11.80 -6.29
N VAL D 303 -27.26 -10.89 -5.43
CA VAL D 303 -27.19 -11.10 -3.98
C VAL D 303 -28.48 -11.79 -3.55
N ARG D 304 -28.35 -13.04 -3.09
CA ARG D 304 -29.50 -13.87 -2.77
C ARG D 304 -29.44 -14.41 -1.35
#